data_4GKB
#
_entry.id   4GKB
#
_cell.length_a   99.960
_cell.length_b   99.960
_cell.length_c   205.801
_cell.angle_alpha   90.000
_cell.angle_beta   90.000
_cell.angle_gamma   120.000
#
_symmetry.space_group_name_H-M   'P 61'
#
loop_
_entity.id
_entity.type
_entity.pdbx_description
1 polymer '3-oxoacyl-[acyl-carrier protein] reductase'
2 non-polymer 'CHLORIDE ION'
3 non-polymer 'CALCIUM ION'
4 non-polymer 1,2-ETHANEDIOL
5 water water
#
_entity_poly.entity_id   1
_entity_poly.type   'polypeptide(L)'
_entity_poly.pdbx_seq_one_letter_code
;MDLNLQDKVVIVTGGASGIGGAISMRLAEERAIPVVFARHAPDGAFLDALAQRQPRATYLPVELQDDAQCRDAVAQTIAT
FGRLDGLVNNAGVNDGIGLDAGRDAFVASLERNLIHYYAMAHYCVPHLKATRGAIVNISSKTAVTGQGNTSGYCASKGAQ
LALTREWAVALREHGVRVNAVIPAEVMTPLYRNWIATFEDPEAKLAEIAAKVPLGRRFTTPDEIADTAVFLLSPRASHTT
GEWLFVDGGYTHLDRALV
;
_entity_poly.pdbx_strand_id   A,B,C,D
#
loop_
_chem_comp.id
_chem_comp.type
_chem_comp.name
_chem_comp.formula
CA non-polymer 'CALCIUM ION' 'Ca 2'
CL non-polymer 'CHLORIDE ION' 'Cl -1'
EDO non-polymer 1,2-ETHANEDIOL 'C2 H6 O2'
#
# COMPACT_ATOMS: atom_id res chain seq x y z
N MET A 1 -2.89 28.71 10.77
CA MET A 1 -2.42 27.62 11.62
C MET A 1 -0.99 27.85 12.09
N ASP A 2 -0.82 28.02 13.40
CA ASP A 2 0.51 28.21 13.98
C ASP A 2 1.23 26.87 14.01
N LEU A 3 2.32 26.75 13.26
CA LEU A 3 3.06 25.49 13.21
C LEU A 3 4.03 25.32 14.38
N ASN A 4 4.19 26.37 15.19
CA ASN A 4 5.06 26.30 16.35
C ASN A 4 6.48 25.90 15.98
N LEU A 5 6.98 26.46 14.88
CA LEU A 5 8.34 26.23 14.43
C LEU A 5 9.25 27.42 14.64
N GLN A 6 8.75 28.43 15.34
N GLN A 6 8.75 28.43 15.34
CA GLN A 6 9.51 29.67 15.54
CA GLN A 6 9.51 29.67 15.54
C GLN A 6 10.83 29.39 16.26
C GLN A 6 10.83 29.38 16.26
N ASP A 7 11.92 29.86 15.67
CA ASP A 7 13.28 29.68 16.20
C ASP A 7 13.78 28.23 16.25
N LYS A 8 13.06 27.33 15.59
CA LYS A 8 13.51 25.95 15.46
C LYS A 8 14.55 25.84 14.35
N VAL A 9 15.65 25.15 14.63
CA VAL A 9 16.78 25.09 13.72
C VAL A 9 16.68 23.82 12.86
N VAL A 10 16.61 24.00 11.55
CA VAL A 10 16.37 22.87 10.64
C VAL A 10 17.40 22.85 9.51
N ILE A 11 18.17 21.78 9.42
CA ILE A 11 19.09 21.60 8.30
C ILE A 11 18.32 21.10 7.08
N VAL A 12 18.53 21.74 5.94
CA VAL A 12 17.94 21.30 4.67
C VAL A 12 19.04 20.98 3.67
N THR A 13 19.19 19.71 3.30
CA THR A 13 20.23 19.36 2.34
C THR A 13 19.76 19.60 0.91
N GLY A 14 20.67 20.10 0.07
CA GLY A 14 20.28 20.59 -1.25
C GLY A 14 19.26 21.71 -1.09
N GLY A 15 19.42 22.53 -0.06
CA GLY A 15 18.37 23.43 0.36
C GLY A 15 18.37 24.80 -0.30
N ALA A 16 19.10 24.95 -1.39
CA ALA A 16 19.26 26.27 -2.00
C ALA A 16 18.60 26.43 -3.36
N SER A 17 17.99 25.36 -3.87
CA SER A 17 17.23 25.45 -5.11
C SER A 17 16.18 24.36 -5.22
N GLY A 18 15.26 24.51 -6.17
CA GLY A 18 14.22 23.51 -6.37
C GLY A 18 13.39 23.24 -5.13
N ILE A 19 13.10 21.96 -4.89
CA ILE A 19 12.34 21.57 -3.73
C ILE A 19 13.00 22.00 -2.42
N GLY A 20 14.30 21.78 -2.31
CA GLY A 20 15.03 22.15 -1.12
C GLY A 20 14.96 23.63 -0.82
N GLY A 21 15.12 24.43 -1.88
CA GLY A 21 15.04 25.87 -1.75
C GLY A 21 13.68 26.33 -1.25
N ALA A 22 12.62 25.70 -1.77
CA ALA A 22 11.26 26.04 -1.36
C ALA A 22 11.04 25.66 0.11
N ILE A 23 11.59 24.52 0.53
CA ILE A 23 11.50 24.13 1.93
C ILE A 23 12.23 25.13 2.83
N SER A 24 13.44 25.55 2.44
CA SER A 24 14.19 26.52 3.23
C SER A 24 13.42 27.83 3.34
N MET A 25 12.87 28.28 2.21
CA MET A 25 12.11 29.52 2.18
C MET A 25 10.86 29.46 3.05
N ARG A 26 10.14 28.34 2.99
CA ARG A 26 8.92 28.17 3.78
C ARG A 26 9.24 28.14 5.27
N LEU A 27 10.32 27.45 5.63
CA LEU A 27 10.76 27.42 7.02
C LEU A 27 11.01 28.84 7.51
N ALA A 28 11.70 29.63 6.71
CA ALA A 28 11.97 31.03 7.06
C ALA A 28 10.67 31.82 7.24
N GLU A 29 9.69 31.58 6.36
CA GLU A 29 8.41 32.26 6.44
C GLU A 29 7.66 31.92 7.72
N GLU A 30 7.82 30.68 8.18
CA GLU A 30 7.22 30.23 9.42
C GLU A 30 8.07 30.59 10.65
N ARG A 31 9.12 31.39 10.41
CA ARG A 31 10.02 31.90 11.44
C ARG A 31 10.93 30.84 12.07
N ALA A 32 11.03 29.68 11.41
CA ALA A 32 12.06 28.71 11.75
C ALA A 32 13.39 29.23 11.24
N ILE A 33 14.48 28.53 11.56
CA ILE A 33 15.81 28.94 11.11
C ILE A 33 16.36 27.84 10.21
N PRO A 34 16.21 28.00 8.89
CA PRO A 34 16.78 26.99 7.99
C PRO A 34 18.28 27.15 7.85
N VAL A 35 18.97 26.01 7.84
CA VAL A 35 20.41 25.96 7.64
C VAL A 35 20.64 25.14 6.37
N VAL A 36 21.05 25.82 5.30
CA VAL A 36 21.21 25.17 4.00
C VAL A 36 22.56 24.46 3.88
N PHE A 37 22.53 23.14 3.66
CA PHE A 37 23.73 22.39 3.31
C PHE A 37 23.65 22.13 1.82
N ALA A 38 24.58 22.69 1.05
CA ALA A 38 24.63 22.42 -0.38
C ALA A 38 26.04 22.58 -0.94
N ARG A 39 26.30 21.90 -2.05
CA ARG A 39 27.62 21.92 -2.69
C ARG A 39 28.01 23.33 -3.14
N HIS A 40 27.10 24.01 -3.82
CA HIS A 40 27.38 25.34 -4.33
C HIS A 40 26.62 26.41 -3.55
N ALA A 41 27.22 27.59 -3.45
CA ALA A 41 26.58 28.71 -2.78
C ALA A 41 25.27 29.02 -3.49
N PRO A 42 24.23 29.36 -2.72
CA PRO A 42 22.95 29.78 -3.31
C PRO A 42 23.14 31.11 -4.03
N ASP A 43 22.12 31.48 -4.80
N ASP A 43 22.21 31.49 -4.90
CA ASP A 43 22.03 32.78 -5.48
CA ASP A 43 22.34 32.79 -5.55
C ASP A 43 21.96 33.91 -4.47
C ASP A 43 21.91 33.90 -4.60
N GLY A 44 22.43 35.10 -4.86
CA GLY A 44 22.22 36.26 -4.01
C GLY A 44 20.75 36.63 -3.87
N ALA A 45 19.99 36.45 -4.95
CA ALA A 45 18.56 36.71 -4.92
C ALA A 45 17.87 35.79 -3.91
N PHE A 46 18.27 34.51 -3.90
CA PHE A 46 17.75 33.56 -2.93
C PHE A 46 18.12 33.95 -1.50
N LEU A 47 19.40 34.25 -1.29
CA LEU A 47 19.89 34.64 0.03
C LEU A 47 19.25 35.92 0.54
N ASP A 48 19.04 36.89 -0.34
CA ASP A 48 18.36 38.13 0.01
C ASP A 48 16.94 37.84 0.48
N ALA A 49 16.23 37.01 -0.28
CA ALA A 49 14.85 36.66 0.03
C ALA A 49 14.78 35.87 1.33
N LEU A 50 15.76 35.00 1.53
CA LEU A 50 15.83 34.19 2.74
C LEU A 50 16.09 35.07 3.97
N ALA A 51 17.00 36.03 3.83
CA ALA A 51 17.35 36.92 4.93
C ALA A 51 16.20 37.87 5.29
N GLN A 52 15.42 38.28 4.30
CA GLN A 52 14.25 39.13 4.51
C GLN A 52 13.25 38.46 5.44
N ARG A 53 13.11 37.14 5.30
CA ARG A 53 12.17 36.38 6.11
C ARG A 53 12.81 35.95 7.43
N GLN A 54 14.09 35.59 7.39
CA GLN A 54 14.79 35.08 8.57
C GLN A 54 16.28 35.44 8.53
N PRO A 55 16.66 36.54 9.17
CA PRO A 55 18.04 37.01 9.15
C PRO A 55 19.05 36.01 9.75
N ARG A 56 18.56 35.08 10.55
CA ARG A 56 19.44 34.09 11.18
C ARG A 56 19.70 32.86 10.31
N ALA A 57 18.96 32.75 9.21
CA ALA A 57 19.15 31.62 8.29
C ALA A 57 20.57 31.68 7.74
N THR A 58 21.15 30.50 7.53
N THR A 58 21.13 30.51 7.48
CA THR A 58 22.55 30.40 7.10
CA THR A 58 22.51 30.47 7.02
C THR A 58 22.73 29.38 5.97
C THR A 58 22.74 29.39 5.98
N TYR A 59 23.87 29.47 5.31
CA TYR A 59 24.25 28.50 4.29
C TYR A 59 25.65 28.00 4.60
N LEU A 60 25.86 26.69 4.53
CA LEU A 60 27.18 26.10 4.66
C LEU A 60 27.52 25.30 3.42
N PRO A 61 28.67 25.56 2.79
CA PRO A 61 29.11 24.76 1.64
C PRO A 61 29.48 23.36 2.09
N VAL A 62 28.76 22.36 1.57
CA VAL A 62 28.94 20.99 2.01
C VAL A 62 28.88 20.04 0.82
N GLU A 63 29.93 19.24 0.64
CA GLU A 63 29.86 18.11 -0.27
C GLU A 63 29.31 16.93 0.51
N LEU A 64 28.04 16.62 0.30
CA LEU A 64 27.34 15.61 1.11
C LEU A 64 27.94 14.22 0.97
N GLN A 65 28.65 13.97 -0.14
CA GLN A 65 29.25 12.67 -0.36
C GLN A 65 30.54 12.52 0.46
N ASP A 66 30.98 13.63 1.05
CA ASP A 66 32.14 13.60 1.94
C ASP A 66 31.65 13.50 3.39
N ASP A 67 31.82 12.32 3.99
CA ASP A 67 31.34 12.06 5.34
C ASP A 67 31.86 13.07 6.37
N ALA A 68 33.11 13.48 6.22
CA ALA A 68 33.72 14.44 7.14
C ALA A 68 33.08 15.81 7.06
N GLN A 69 32.73 16.23 5.84
CA GLN A 69 32.06 17.53 5.66
C GLN A 69 30.69 17.52 6.34
N CYS A 70 29.98 16.39 6.22
CA CYS A 70 28.71 16.22 6.93
C CYS A 70 28.90 16.36 8.42
N ARG A 71 29.83 15.59 8.98
CA ARG A 71 30.12 15.65 10.41
C ARG A 71 30.47 17.07 10.87
N ASP A 72 31.38 17.72 10.15
CA ASP A 72 31.85 19.05 10.54
C ASP A 72 30.79 20.13 10.37
N ALA A 73 29.94 19.99 9.36
CA ALA A 73 28.90 20.98 9.13
C ALA A 73 27.80 20.87 10.19
N VAL A 74 27.48 19.65 10.60
CA VAL A 74 26.54 19.47 11.71
C VAL A 74 27.13 20.07 12.99
N ALA A 75 28.41 19.79 13.25
CA ALA A 75 29.09 20.34 14.42
C ALA A 75 29.07 21.86 14.41
N GLN A 76 29.31 22.45 13.25
CA GLN A 76 29.29 23.91 13.13
C GLN A 76 27.91 24.49 13.40
N THR A 77 26.88 23.78 12.94
CA THR A 77 25.51 24.20 13.15
C THR A 77 25.17 24.20 14.64
N ILE A 78 25.59 23.15 15.34
CA ILE A 78 25.35 23.05 16.77
C ILE A 78 26.15 24.13 17.53
N ALA A 79 27.38 24.39 17.09
CA ALA A 79 28.19 25.43 17.71
C ALA A 79 27.54 26.80 17.55
N THR A 80 26.93 27.02 16.40
CA THR A 80 26.33 28.32 16.08
C THR A 80 24.98 28.55 16.74
N PHE A 81 24.14 27.51 16.76
CA PHE A 81 22.77 27.66 17.20
C PHE A 81 22.48 26.99 18.55
N GLY A 82 23.33 26.05 18.95
CA GLY A 82 23.18 25.39 20.23
C GLY A 82 22.18 24.25 20.24
N ARG A 83 21.45 24.07 19.14
CA ARG A 83 20.39 23.08 19.07
C ARG A 83 20.15 22.67 17.63
N LEU A 84 19.52 21.52 17.44
CA LEU A 84 19.00 21.14 16.13
C LEU A 84 17.60 20.57 16.30
N ASP A 85 16.64 21.13 15.56
CA ASP A 85 15.24 20.73 15.70
C ASP A 85 14.73 19.91 14.54
N GLY A 86 15.40 19.97 13.41
CA GLY A 86 14.94 19.22 12.26
C GLY A 86 16.02 18.92 11.26
N LEU A 87 15.82 17.84 10.50
CA LEU A 87 16.67 17.51 9.37
C LEU A 87 15.76 17.21 8.19
N VAL A 88 16.01 17.88 7.07
CA VAL A 88 15.35 17.55 5.81
C VAL A 88 16.42 17.01 4.87
N ASN A 89 16.38 15.70 4.64
CA ASN A 89 17.24 15.06 3.64
C ASN A 89 16.58 15.23 2.27
N ASN A 90 17.24 15.96 1.36
CA ASN A 90 16.61 16.27 0.08
C ASN A 90 17.54 16.19 -1.13
N ALA A 91 18.84 16.36 -0.91
CA ALA A 91 19.79 16.38 -2.04
C ALA A 91 19.77 15.08 -2.82
N GLY A 92 19.86 15.18 -4.14
CA GLY A 92 19.88 14.00 -4.97
C GLY A 92 19.83 14.34 -6.45
N VAL A 93 20.00 13.33 -7.29
CA VAL A 93 19.95 13.52 -8.72
C VAL A 93 19.52 12.22 -9.40
N ASN A 94 18.52 12.32 -10.28
CA ASN A 94 18.16 11.17 -11.12
C ASN A 94 19.22 11.03 -12.20
N ASP A 95 20.17 10.12 -11.96
CA ASP A 95 21.38 10.05 -12.79
C ASP A 95 21.35 8.99 -13.88
N GLY A 96 20.19 8.36 -14.08
CA GLY A 96 19.99 7.48 -15.22
C GLY A 96 20.95 6.30 -15.28
N ILE A 97 21.19 5.68 -14.14
CA ILE A 97 22.10 4.54 -14.08
C ILE A 97 21.27 3.26 -14.18
N GLY A 98 21.28 2.64 -15.36
CA GLY A 98 20.39 1.52 -15.63
C GLY A 98 21.03 0.16 -15.39
N LEU A 99 20.33 -0.88 -15.82
CA LEU A 99 20.79 -2.27 -15.67
C LEU A 99 22.11 -2.55 -16.36
N ASP A 100 22.40 -1.79 -17.41
CA ASP A 100 23.58 -2.03 -18.25
C ASP A 100 24.84 -1.35 -17.74
N ALA A 101 24.67 -0.47 -16.75
CA ALA A 101 25.74 0.44 -16.32
C ALA A 101 26.87 -0.23 -15.54
N GLY A 102 26.54 -1.22 -14.73
CA GLY A 102 27.54 -1.94 -13.97
C GLY A 102 27.72 -1.44 -12.54
N ARG A 103 28.45 -2.22 -11.75
CA ARG A 103 28.63 -2.00 -10.32
C ARG A 103 29.11 -0.61 -9.91
N ASP A 104 30.20 -0.14 -10.51
CA ASP A 104 30.78 1.15 -10.11
C ASP A 104 29.82 2.32 -10.29
N ALA A 105 29.08 2.31 -11.39
CA ALA A 105 28.11 3.36 -11.66
C ALA A 105 26.92 3.28 -10.70
N PHE A 106 26.48 2.06 -10.42
CA PHE A 106 25.38 1.86 -9.48
C PHE A 106 25.74 2.37 -8.09
N VAL A 107 26.92 1.99 -7.62
CA VAL A 107 27.40 2.43 -6.30
C VAL A 107 27.58 3.95 -6.24
N ALA A 108 28.06 4.54 -7.33
CA ALA A 108 28.21 5.98 -7.38
C ALA A 108 26.86 6.67 -7.27
N SER A 109 25.82 6.04 -7.82
CA SER A 109 24.46 6.57 -7.68
C SER A 109 24.01 6.49 -6.21
N LEU A 110 24.34 5.40 -5.55
CA LEU A 110 24.01 5.26 -4.13
C LEU A 110 24.72 6.35 -3.30
N GLU A 111 25.94 6.69 -3.66
CA GLU A 111 26.68 7.75 -2.97
C GLU A 111 26.02 9.10 -3.18
N ARG A 112 25.55 9.33 -4.40
CA ARG A 112 24.93 10.61 -4.75
C ARG A 112 23.56 10.78 -4.13
N ASN A 113 22.91 9.67 -3.80
CA ASN A 113 21.50 9.74 -3.42
C ASN A 113 21.18 9.17 -2.05
N LEU A 114 21.60 7.94 -1.80
CA LEU A 114 21.20 7.25 -0.59
C LEU A 114 22.13 7.50 0.61
N ILE A 115 23.43 7.36 0.39
CA ILE A 115 24.34 7.21 1.52
C ILE A 115 24.38 8.44 2.44
N HIS A 116 24.30 9.64 1.86
CA HIS A 116 24.27 10.84 2.68
C HIS A 116 22.98 11.07 3.48
N TYR A 117 21.87 10.43 3.08
CA TYR A 117 20.68 10.49 3.93
C TYR A 117 20.99 9.78 5.25
N TYR A 118 21.65 8.62 5.15
CA TYR A 118 22.09 7.93 6.35
C TYR A 118 23.14 8.74 7.11
N ALA A 119 24.16 9.23 6.42
CA ALA A 119 25.22 9.99 7.09
C ALA A 119 24.65 11.16 7.87
N MET A 120 23.76 11.92 7.24
CA MET A 120 23.17 13.07 7.90
C MET A 120 22.34 12.67 9.12
N ALA A 121 21.54 11.62 9.00
CA ALA A 121 20.77 11.14 10.14
C ALA A 121 21.71 10.70 11.26
N HIS A 122 22.77 9.98 10.90
CA HIS A 122 23.76 9.50 11.86
C HIS A 122 24.30 10.63 12.72
N TYR A 123 24.63 11.76 12.09
CA TYR A 123 25.23 12.88 12.80
C TYR A 123 24.20 13.79 13.47
N CYS A 124 22.99 13.83 12.93
CA CYS A 124 21.95 14.72 13.46
C CYS A 124 21.13 14.13 14.60
N VAL A 125 20.92 12.81 14.57
CA VAL A 125 20.02 12.16 15.53
C VAL A 125 20.32 12.43 17.02
N PRO A 126 21.60 12.43 17.44
CA PRO A 126 21.83 12.75 18.87
C PRO A 126 21.30 14.12 19.26
N HIS A 127 21.40 15.08 18.34
CA HIS A 127 20.91 16.43 18.61
C HIS A 127 19.39 16.51 18.52
N LEU A 128 18.81 15.75 17.59
CA LEU A 128 17.37 15.71 17.44
C LEU A 128 16.70 15.08 18.67
N LYS A 129 17.36 14.11 19.28
CA LYS A 129 16.83 13.53 20.51
C LYS A 129 16.73 14.57 21.61
N ALA A 130 17.70 15.48 21.66
CA ALA A 130 17.74 16.49 22.71
C ALA A 130 16.57 17.47 22.62
N THR A 131 16.06 17.66 21.42
CA THR A 131 14.99 18.63 21.19
C THR A 131 13.66 17.98 20.84
N ARG A 132 13.64 16.65 20.79
CA ARG A 132 12.47 15.91 20.32
C ARG A 132 12.07 16.45 18.94
N GLY A 133 13.08 16.59 18.09
CA GLY A 133 12.90 17.12 16.75
C GLY A 133 12.34 16.11 15.76
N ALA A 134 12.53 16.39 14.49
CA ALA A 134 11.91 15.60 13.44
C ALA A 134 12.78 15.49 12.21
N ILE A 135 12.56 14.44 11.44
CA ILE A 135 13.25 14.25 10.17
C ILE A 135 12.22 14.14 9.06
N VAL A 136 12.49 14.78 7.93
CA VAL A 136 11.73 14.53 6.72
C VAL A 136 12.68 14.09 5.62
N ASN A 137 12.38 12.94 5.01
CA ASN A 137 13.14 12.45 3.87
C ASN A 137 12.37 12.73 2.61
N ILE A 138 12.95 13.48 1.68
CA ILE A 138 12.31 13.66 0.38
C ILE A 138 12.71 12.52 -0.55
N SER A 139 11.73 11.76 -1.03
CA SER A 139 12.01 10.61 -1.90
C SER A 139 11.55 10.94 -3.33
N SER A 140 10.97 9.95 -4.01
CA SER A 140 10.49 10.13 -5.39
C SER A 140 9.51 9.02 -5.71
N LYS A 141 8.52 9.32 -6.54
CA LYS A 141 7.55 8.31 -6.93
C LYS A 141 8.21 7.10 -7.59
N THR A 142 9.37 7.31 -8.20
N THR A 142 9.37 7.33 -8.18
CA THR A 142 10.07 6.21 -8.87
CA THR A 142 10.11 6.28 -8.87
C THR A 142 10.43 5.09 -7.90
C THR A 142 10.43 5.11 -7.91
N ALA A 143 10.53 5.40 -6.62
CA ALA A 143 10.73 4.37 -5.59
C ALA A 143 9.65 3.31 -5.62
N VAL A 144 8.42 3.69 -5.99
CA VAL A 144 7.35 2.69 -6.06
C VAL A 144 6.84 2.43 -7.46
N THR A 145 7.03 3.35 -8.40
CA THR A 145 6.51 3.15 -9.76
C THR A 145 7.53 2.57 -10.74
N GLY A 146 8.82 2.67 -10.41
CA GLY A 146 9.86 2.41 -11.39
C GLY A 146 9.88 3.51 -12.44
N GLN A 147 10.82 3.43 -13.38
CA GLN A 147 10.86 4.42 -14.47
C GLN A 147 11.52 3.85 -15.71
N GLY A 148 12.57 3.07 -15.50
CA GLY A 148 13.37 2.57 -16.60
C GLY A 148 14.70 3.32 -16.63
N ASN A 149 15.75 2.58 -16.91
CA ASN A 149 17.12 3.09 -16.95
C ASN A 149 17.56 3.95 -15.78
N THR A 150 17.02 3.66 -14.59
CA THR A 150 17.47 4.40 -13.41
C THR A 150 17.49 3.54 -12.13
N SER A 151 18.09 2.37 -12.23
CA SER A 151 18.31 1.48 -11.08
C SER A 151 18.93 2.18 -9.89
N GLY A 152 19.96 3.00 -10.12
CA GLY A 152 20.66 3.62 -9.02
C GLY A 152 19.77 4.56 -8.22
N TYR A 153 19.06 5.43 -8.92
CA TYR A 153 18.18 6.42 -8.29
C TYR A 153 16.96 5.72 -7.67
N CYS A 154 16.40 4.76 -8.38
CA CYS A 154 15.23 4.04 -7.88
C CYS A 154 15.58 3.30 -6.60
N ALA A 155 16.69 2.55 -6.62
CA ALA A 155 17.15 1.86 -5.41
C ALA A 155 17.34 2.83 -4.25
N SER A 156 17.97 3.97 -4.53
CA SER A 156 18.23 4.93 -3.47
C SER A 156 16.94 5.47 -2.88
N LYS A 157 16.01 5.84 -3.76
CA LYS A 157 14.76 6.45 -3.33
C LYS A 157 13.89 5.45 -2.56
N GLY A 158 13.92 4.18 -2.97
CA GLY A 158 13.24 3.14 -2.24
C GLY A 158 13.85 2.86 -0.87
N ALA A 159 15.17 2.82 -0.82
CA ALA A 159 15.86 2.69 0.46
C ALA A 159 15.48 3.82 1.41
N GLN A 160 15.28 5.02 0.88
CA GLN A 160 14.89 6.15 1.73
C GLN A 160 13.51 5.97 2.36
N LEU A 161 12.59 5.34 1.62
CA LEU A 161 11.28 5.04 2.16
C LEU A 161 11.39 4.00 3.26
N ALA A 162 12.19 2.97 3.03
CA ALA A 162 12.44 1.95 4.05
C ALA A 162 13.05 2.58 5.29
N LEU A 163 14.07 3.43 5.10
CA LEU A 163 14.74 4.05 6.23
C LEU A 163 13.81 4.96 7.05
N THR A 164 12.80 5.53 6.38
CA THR A 164 11.81 6.34 7.07
C THR A 164 11.04 5.48 8.09
N ARG A 165 10.68 4.26 7.71
CA ARG A 165 10.01 3.34 8.62
C ARG A 165 10.97 2.89 9.72
N GLU A 166 12.21 2.57 9.33
CA GLU A 166 13.21 2.11 10.28
C GLU A 166 13.53 3.15 11.35
N TRP A 167 13.78 4.38 10.93
CA TRP A 167 14.16 5.41 11.89
C TRP A 167 12.96 5.80 12.76
N ALA A 168 11.76 5.73 12.20
CA ALA A 168 10.56 5.98 12.99
C ALA A 168 10.48 4.98 14.15
N VAL A 169 10.73 3.71 13.86
CA VAL A 169 10.79 2.69 14.90
C VAL A 169 11.90 2.99 15.90
N ALA A 170 13.11 3.21 15.38
CA ALA A 170 14.30 3.35 16.22
C ALA A 170 14.18 4.51 17.20
N LEU A 171 13.49 5.57 16.78
CA LEU A 171 13.48 6.82 17.54
C LEU A 171 12.18 7.11 18.27
N ARG A 172 11.24 6.16 18.23
CA ARG A 172 9.90 6.38 18.78
C ARG A 172 9.94 6.82 20.26
N GLU A 173 10.78 6.17 21.05
CA GLU A 173 10.80 6.41 22.50
C GLU A 173 11.44 7.74 22.83
N HIS A 174 12.10 8.35 21.85
CA HIS A 174 12.77 9.63 22.04
C HIS A 174 11.92 10.80 21.53
N GLY A 175 10.73 10.49 21.02
CA GLY A 175 9.84 11.53 20.55
C GLY A 175 10.26 12.17 19.24
N VAL A 176 11.17 11.52 18.52
CA VAL A 176 11.63 12.04 17.24
C VAL A 176 10.85 11.37 16.11
N ARG A 177 10.06 12.17 15.41
CA ARG A 177 9.24 11.67 14.30
C ARG A 177 10.04 11.69 13.01
N VAL A 178 9.77 10.71 12.15
CA VAL A 178 10.48 10.57 10.88
C VAL A 178 9.45 10.27 9.80
N ASN A 179 9.37 11.14 8.79
CA ASN A 179 8.42 10.95 7.71
C ASN A 179 9.06 11.23 6.36
N ALA A 180 8.36 10.86 5.29
CA ALA A 180 8.86 11.08 3.95
C ALA A 180 7.82 11.80 3.13
N VAL A 181 8.29 12.59 2.16
CA VAL A 181 7.42 13.15 1.14
C VAL A 181 7.84 12.57 -0.19
N ILE A 182 6.84 12.16 -0.98
CA ILE A 182 7.08 11.54 -2.27
C ILE A 182 6.50 12.43 -3.38
N PRO A 183 7.37 13.23 -4.03
CA PRO A 183 6.96 14.00 -5.21
C PRO A 183 6.95 13.09 -6.42
N ALA A 184 6.26 13.51 -7.47
CA ALA A 184 6.40 12.84 -8.76
C ALA A 184 7.08 13.81 -9.73
N GLU A 185 6.28 14.63 -10.40
CA GLU A 185 6.84 15.59 -11.35
C GLU A 185 6.79 17.01 -10.79
N VAL A 186 7.98 17.58 -10.56
CA VAL A 186 8.12 18.93 -10.01
C VAL A 186 9.09 19.72 -10.86
N MET A 187 8.68 20.90 -11.29
CA MET A 187 9.52 21.74 -12.14
C MET A 187 10.68 22.37 -11.35
N THR A 188 11.92 21.96 -11.63
CA THR A 188 13.13 22.41 -10.90
C THR A 188 14.36 22.46 -11.83
N PRO A 189 15.47 23.08 -11.38
CA PRO A 189 16.71 23.04 -12.18
C PRO A 189 17.17 21.61 -12.49
N LEU A 190 17.07 20.71 -11.52
CA LEU A 190 17.42 19.31 -11.74
C LEU A 190 16.51 18.69 -12.79
N TYR A 191 15.27 19.16 -12.86
CA TYR A 191 14.33 18.70 -13.87
C TYR A 191 14.60 19.38 -15.21
N ALA A 203 7.80 19.79 -24.52
CA ALA A 203 7.16 18.90 -25.49
C ALA A 203 7.29 17.45 -25.05
N LYS A 204 8.52 17.07 -24.68
CA LYS A 204 8.72 15.90 -23.85
C LYS A 204 8.11 16.32 -22.51
N LEU A 205 8.14 17.62 -22.28
CA LEU A 205 7.57 18.26 -21.09
C LEU A 205 6.04 18.33 -21.13
N ALA A 206 5.49 18.77 -22.26
CA ALA A 206 4.03 18.85 -22.40
C ALA A 206 3.44 17.45 -22.30
N GLU A 207 4.16 16.50 -22.88
CA GLU A 207 3.80 15.08 -22.83
C GLU A 207 3.68 14.59 -21.40
N ILE A 208 4.66 14.93 -20.57
CA ILE A 208 4.69 14.49 -19.18
C ILE A 208 3.65 15.21 -18.33
N ALA A 209 3.50 16.52 -18.52
CA ALA A 209 2.53 17.28 -17.74
C ALA A 209 1.11 16.76 -17.97
N ALA A 210 0.82 16.36 -19.20
CA ALA A 210 -0.50 15.87 -19.57
C ALA A 210 -0.89 14.63 -18.78
N LYS A 211 0.11 13.92 -18.27
CA LYS A 211 -0.15 12.69 -17.53
C LYS A 211 -0.36 12.87 -16.04
N VAL A 212 -0.26 14.11 -15.56
CA VAL A 212 -0.53 14.38 -14.15
C VAL A 212 -2.03 14.57 -13.96
N PRO A 213 -2.69 13.69 -13.20
CA PRO A 213 -4.16 13.76 -13.20
C PRO A 213 -4.77 15.09 -12.74
N LEU A 214 -4.24 15.68 -11.66
CA LEU A 214 -4.86 16.88 -11.12
C LEU A 214 -4.36 18.12 -11.84
N GLY A 215 -5.15 18.60 -12.79
CA GLY A 215 -4.80 19.82 -13.52
C GLY A 215 -3.86 19.68 -14.69
N ARG A 216 -3.37 18.46 -14.95
CA ARG A 216 -2.46 18.22 -16.08
C ARG A 216 -1.28 19.20 -16.07
N ARG A 217 -0.67 19.31 -14.89
CA ARG A 217 0.39 20.26 -14.65
C ARG A 217 1.33 19.70 -13.60
N PHE A 218 2.58 20.15 -13.60
CA PHE A 218 3.55 19.72 -12.62
C PHE A 218 3.21 20.25 -11.22
N THR A 219 3.56 19.45 -10.21
CA THR A 219 3.55 19.91 -8.83
C THR A 219 4.61 21.02 -8.70
N THR A 220 4.38 22.00 -7.81
CA THR A 220 5.35 23.05 -7.59
C THR A 220 6.21 22.73 -6.37
N PRO A 221 7.45 23.27 -6.34
CA PRO A 221 8.27 23.13 -5.14
C PRO A 221 7.53 23.63 -3.88
N ASP A 222 6.77 24.73 -4.00
CA ASP A 222 5.97 25.23 -2.89
C ASP A 222 5.01 24.18 -2.32
N GLU A 223 4.38 23.41 -3.20
CA GLU A 223 3.47 22.35 -2.75
C GLU A 223 4.21 21.27 -1.97
N ILE A 224 5.37 20.86 -2.45
CA ILE A 224 6.16 19.87 -1.73
C ILE A 224 6.55 20.48 -0.38
N ALA A 225 6.99 21.73 -0.39
CA ALA A 225 7.44 22.40 0.82
C ALA A 225 6.34 22.50 1.88
N ASP A 226 5.11 22.79 1.46
CA ASP A 226 4.02 22.96 2.42
C ASP A 226 3.78 21.68 3.22
N THR A 227 3.81 20.53 2.54
CA THR A 227 3.65 19.26 3.22
C THR A 227 4.89 18.92 4.06
N ALA A 228 6.09 19.15 3.52
CA ALA A 228 7.30 18.85 4.29
C ALA A 228 7.35 19.65 5.59
N VAL A 229 7.01 20.93 5.52
CA VAL A 229 7.10 21.78 6.70
C VAL A 229 6.02 21.42 7.72
N PHE A 230 4.82 21.10 7.24
CA PHE A 230 3.80 20.57 8.12
C PHE A 230 4.30 19.34 8.88
N LEU A 231 4.98 18.42 8.19
CA LEU A 231 5.49 17.20 8.83
C LEU A 231 6.58 17.46 9.86
N LEU A 232 7.34 18.55 9.70
CA LEU A 232 8.38 18.90 10.66
C LEU A 232 7.77 19.47 11.94
N SER A 233 6.51 19.90 11.86
CA SER A 233 5.89 20.68 12.93
C SER A 233 5.12 19.80 13.90
N PRO A 234 4.91 20.30 15.13
CA PRO A 234 4.07 19.53 16.07
C PRO A 234 2.60 19.45 15.69
N ARG A 235 2.17 20.10 14.61
CA ARG A 235 0.82 19.84 14.10
C ARG A 235 0.72 18.42 13.58
N ALA A 236 1.86 17.79 13.31
CA ALA A 236 1.91 16.39 12.89
C ALA A 236 2.45 15.51 14.02
N SER A 237 2.09 15.85 15.25
CA SER A 237 2.68 15.22 16.44
C SER A 237 2.42 13.73 16.66
N HIS A 238 1.45 13.15 15.95
CA HIS A 238 1.30 11.69 16.01
C HIS A 238 1.47 11.03 14.66
N THR A 239 2.16 11.71 13.75
CA THR A 239 2.50 11.13 12.46
C THR A 239 3.98 10.76 12.43
N THR A 240 4.25 9.48 12.29
CA THR A 240 5.63 9.03 12.16
C THR A 240 5.68 7.77 11.33
N GLY A 241 6.73 7.65 10.53
CA GLY A 241 6.91 6.51 9.65
C GLY A 241 6.21 6.59 8.32
N GLU A 242 5.53 7.71 8.06
CA GLU A 242 4.61 7.78 6.94
C GLU A 242 5.25 8.30 5.67
N TRP A 243 4.67 7.90 4.54
CA TRP A 243 5.08 8.34 3.21
C TRP A 243 3.94 9.16 2.64
N LEU A 244 4.13 10.47 2.56
CA LEU A 244 3.07 11.35 2.07
C LEU A 244 3.32 11.68 0.60
N PHE A 245 2.40 11.24 -0.25
CA PHE A 245 2.51 11.46 -1.69
C PHE A 245 1.92 12.80 -2.03
N VAL A 246 2.73 13.67 -2.62
CA VAL A 246 2.28 14.99 -3.05
C VAL A 246 2.58 15.07 -4.54
N ASP A 247 1.62 14.65 -5.35
CA ASP A 247 1.95 14.28 -6.73
C ASP A 247 0.82 14.46 -7.74
N GLY A 248 -0.23 15.17 -7.34
CA GLY A 248 -1.37 15.38 -8.23
C GLY A 248 -2.08 14.11 -8.66
N GLY A 249 -1.90 13.02 -7.92
CA GLY A 249 -2.55 11.75 -8.23
C GLY A 249 -1.72 10.83 -9.12
N TYR A 250 -0.48 11.23 -9.40
CA TYR A 250 0.37 10.50 -10.33
C TYR A 250 0.53 9.02 -9.96
N THR A 251 0.77 8.74 -8.69
CA THR A 251 1.11 7.37 -8.29
C THR A 251 -0.12 6.49 -8.20
N HIS A 252 -1.19 7.04 -7.63
CA HIS A 252 -2.30 6.17 -7.20
C HIS A 252 -3.57 6.20 -8.02
N LEU A 253 -3.72 7.16 -8.93
CA LEU A 253 -4.94 7.23 -9.71
C LEU A 253 -4.81 6.50 -11.04
N ASP A 254 -5.94 5.96 -11.51
CA ASP A 254 -6.03 5.14 -12.72
C ASP A 254 -5.15 5.66 -13.87
N ARG A 255 -4.27 4.80 -14.36
CA ARG A 255 -3.31 5.18 -15.40
C ARG A 255 -4.01 5.59 -16.69
N ALA A 256 -5.25 5.15 -16.88
CA ALA A 256 -5.97 5.35 -18.14
C ALA A 256 -6.68 6.68 -18.24
N LEU A 257 -6.72 7.45 -17.16
CA LEU A 257 -7.41 8.72 -17.22
C LEU A 257 -6.66 9.70 -18.13
N VAL A 258 -7.42 10.58 -18.78
CA VAL A 258 -6.86 11.63 -19.59
C VAL A 258 -7.05 12.95 -18.87
N MET B 1 1.30 29.19 9.33
CA MET B 1 0.93 28.85 7.95
C MET B 1 -0.53 29.23 7.69
N ASP B 2 -0.74 30.19 6.79
CA ASP B 2 -2.08 30.61 6.42
C ASP B 2 -2.71 29.57 5.51
N LEU B 3 -3.76 28.91 6.00
CA LEU B 3 -4.39 27.86 5.22
C LEU B 3 -5.38 28.39 4.19
N ASN B 4 -5.61 29.71 4.19
N ASN B 4 -5.60 29.71 4.17
CA ASN B 4 -6.50 30.33 3.23
CA ASN B 4 -6.51 30.32 3.21
C ASN B 4 -7.90 29.72 3.26
C ASN B 4 -7.91 29.71 3.27
N LEU B 5 -8.41 29.53 4.48
CA LEU B 5 -9.74 28.98 4.68
C LEU B 5 -10.72 30.00 5.23
N GLN B 6 -10.33 31.28 5.27
CA GLN B 6 -11.22 32.29 5.81
C GLN B 6 -12.54 32.37 5.04
N ASP B 7 -13.64 32.33 5.79
CA ASP B 7 -14.99 32.39 5.24
C ASP B 7 -15.36 31.23 4.32
N LYS B 8 -14.56 30.17 4.35
CA LYS B 8 -14.90 28.97 3.58
C LYS B 8 -15.90 28.14 4.38
N VAL B 9 -16.98 27.74 3.71
CA VAL B 9 -18.08 27.04 4.37
C VAL B 9 -17.87 25.54 4.25
N VAL B 10 -17.78 24.86 5.40
CA VAL B 10 -17.43 23.44 5.42
C VAL B 10 -18.39 22.65 6.29
N ILE B 11 -19.09 21.69 5.68
CA ILE B 11 -19.96 20.80 6.44
C ILE B 11 -19.14 19.70 7.11
N VAL B 12 -19.37 19.48 8.39
CA VAL B 12 -18.70 18.41 9.13
C VAL B 12 -19.75 17.45 9.70
N THR B 13 -19.78 16.22 9.22
CA THR B 13 -20.79 15.29 9.72
C THR B 13 -20.31 14.63 11.01
N GLY B 14 -21.23 14.43 11.95
CA GLY B 14 -20.83 14.08 13.31
C GLY B 14 -19.88 15.12 13.86
N GLY B 15 -20.15 16.39 13.56
CA GLY B 15 -19.19 17.45 13.80
C GLY B 15 -19.21 18.13 15.16
N ALA B 16 -19.88 17.52 16.14
CA ALA B 16 -20.05 18.17 17.44
C ALA B 16 -19.34 17.50 18.60
N SER B 17 -18.66 16.40 18.33
CA SER B 17 -17.97 15.67 19.39
C SER B 17 -16.83 14.86 18.80
N GLY B 18 -15.89 14.46 19.66
CA GLY B 18 -14.78 13.64 19.22
C GLY B 18 -13.98 14.26 18.09
N ILE B 19 -13.61 13.43 17.11
CA ILE B 19 -12.87 13.91 15.95
C ILE B 19 -13.61 15.01 15.19
N GLY B 20 -14.90 14.80 14.94
CA GLY B 20 -15.69 15.79 14.22
C GLY B 20 -15.74 17.12 14.92
N GLY B 21 -15.91 17.11 16.24
CA GLY B 21 -15.92 18.34 17.02
C GLY B 21 -14.60 19.07 16.95
N ALA B 22 -13.50 18.33 17.00
CA ALA B 22 -12.17 18.95 16.92
C ALA B 22 -11.95 19.57 15.54
N ILE B 23 -12.47 18.92 14.50
CA ILE B 23 -12.38 19.46 13.15
C ILE B 23 -13.21 20.74 13.00
N SER B 24 -14.43 20.75 13.53
CA SER B 24 -15.25 21.96 13.52
C SER B 24 -14.59 23.10 14.26
N MET B 25 -14.04 22.81 15.43
N MET B 25 -14.02 22.81 15.42
CA MET B 25 -13.37 23.83 16.21
CA MET B 25 -13.37 23.85 16.21
C MET B 25 -12.15 24.40 15.49
C MET B 25 -12.13 24.40 15.51
N ARG B 26 -11.35 23.52 14.92
CA ARG B 26 -10.15 23.94 14.19
C ARG B 26 -10.53 24.79 12.99
N LEU B 27 -11.58 24.39 12.26
CA LEU B 27 -12.07 25.20 11.15
C LEU B 27 -12.41 26.61 11.61
N ALA B 28 -13.13 26.71 12.73
CA ALA B 28 -13.49 28.02 13.27
C ALA B 28 -12.24 28.83 13.62
N GLU B 29 -11.24 28.17 14.21
CA GLU B 29 -9.99 28.84 14.55
C GLU B 29 -9.24 29.37 13.33
N GLU B 30 -9.37 28.66 12.20
CA GLU B 30 -8.74 29.08 10.96
C GLU B 30 -9.62 30.07 10.20
N ARG B 31 -10.69 30.51 10.86
CA ARG B 31 -11.60 31.54 10.35
C ARG B 31 -12.52 31.02 9.23
N ALA B 32 -12.57 29.70 9.08
CA ALA B 32 -13.58 29.09 8.23
C ALA B 32 -14.92 29.09 8.94
N ILE B 33 -15.95 28.63 8.23
CA ILE B 33 -17.29 28.58 8.78
C ILE B 33 -17.75 27.13 8.80
N PRO B 34 -17.57 26.45 9.93
CA PRO B 34 -18.03 25.06 10.02
C PRO B 34 -19.54 25.00 10.18
N VAL B 35 -20.13 24.00 9.53
CA VAL B 35 -21.54 23.72 9.57
C VAL B 35 -21.68 22.29 10.07
N VAL B 36 -22.13 22.16 11.31
CA VAL B 36 -22.22 20.84 11.95
C VAL B 36 -23.50 20.11 11.59
N PHE B 37 -23.38 18.92 11.01
CA PHE B 37 -24.53 18.04 10.78
C PHE B 37 -24.40 16.93 11.81
N ALA B 38 -25.38 16.78 12.69
CA ALA B 38 -25.33 15.72 13.68
C ALA B 38 -26.73 15.39 14.18
N ARG B 39 -26.89 14.15 14.64
CA ARG B 39 -28.18 13.68 15.09
C ARG B 39 -28.64 14.44 16.33
N HIS B 40 -27.78 14.45 17.35
CA HIS B 40 -28.12 15.07 18.62
C HIS B 40 -27.46 16.44 18.72
N ALA B 41 -28.12 17.37 19.41
CA ALA B 41 -27.61 18.72 19.57
C ALA B 41 -26.27 18.72 20.29
N PRO B 42 -25.34 19.58 19.86
CA PRO B 42 -24.05 19.73 20.53
C PRO B 42 -24.22 20.21 21.96
N ASP B 43 -23.21 20.00 22.80
CA ASP B 43 -23.20 20.56 24.15
C ASP B 43 -23.29 22.07 24.07
N GLY B 44 -23.90 22.69 25.09
CA GLY B 44 -23.94 24.13 25.19
C GLY B 44 -22.54 24.73 25.20
N ALA B 45 -21.64 24.10 25.95
CA ALA B 45 -20.25 24.57 26.04
C ALA B 45 -19.56 24.53 24.68
N PHE B 46 -19.83 23.48 23.90
CA PHE B 46 -19.27 23.35 22.56
C PHE B 46 -19.76 24.47 21.65
N LEU B 47 -21.07 24.69 21.65
CA LEU B 47 -21.69 25.73 20.83
C LEU B 47 -21.19 27.12 21.22
N ASP B 48 -21.06 27.36 22.52
CA ASP B 48 -20.56 28.64 23.01
C ASP B 48 -19.14 28.89 22.52
N ALA B 49 -18.28 27.87 22.62
CA ALA B 49 -16.89 27.98 22.21
C ALA B 49 -16.77 28.15 20.69
N LEU B 50 -17.59 27.42 19.95
CA LEU B 50 -17.59 27.52 18.49
C LEU B 50 -18.01 28.91 18.05
N ALA B 51 -19.11 29.39 18.60
CA ALA B 51 -19.66 30.70 18.26
C ALA B 51 -18.72 31.83 18.65
N GLN B 52 -17.94 31.63 19.71
CA GLN B 52 -17.00 32.65 20.14
C GLN B 52 -15.89 32.85 19.10
N ARG B 53 -15.47 31.76 18.48
CA ARG B 53 -14.43 31.83 17.45
C ARG B 53 -15.01 32.20 16.09
N GLN B 54 -16.20 31.70 15.80
CA GLN B 54 -16.85 31.93 14.52
C GLN B 54 -18.36 32.12 14.69
N PRO B 55 -18.81 33.38 14.81
CA PRO B 55 -20.23 33.65 15.08
C PRO B 55 -21.17 33.11 14.01
N ARG B 56 -20.65 32.88 12.80
CA ARG B 56 -21.48 32.42 11.68
C ARG B 56 -21.59 30.90 11.60
N ALA B 57 -20.83 30.18 12.42
CA ALA B 57 -20.92 28.73 12.45
C ALA B 57 -22.35 28.29 12.78
N THR B 58 -22.80 27.20 12.16
CA THR B 58 -24.17 26.71 12.34
C THR B 58 -24.19 25.25 12.76
N TYR B 59 -25.32 24.84 13.34
CA TYR B 59 -25.59 23.44 13.61
C TYR B 59 -26.97 23.12 13.05
N LEU B 60 -27.06 22.01 12.30
CA LEU B 60 -28.35 21.51 11.83
C LEU B 60 -28.53 20.10 12.35
N PRO B 61 -29.69 19.82 12.96
CA PRO B 61 -29.99 18.44 13.36
C PRO B 61 -30.28 17.61 12.13
N VAL B 62 -29.51 16.54 11.94
CA VAL B 62 -29.64 15.71 10.76
C VAL B 62 -29.47 14.26 11.14
N GLU B 63 -30.42 13.41 10.77
CA GLU B 63 -30.23 11.98 10.80
C GLU B 63 -29.64 11.59 9.46
N LEU B 64 -28.35 11.31 9.43
CA LEU B 64 -27.62 11.10 8.18
C LEU B 64 -28.09 9.86 7.42
N GLN B 65 -28.73 8.91 8.11
CA GLN B 65 -29.25 7.72 7.46
C GLN B 65 -30.55 8.00 6.71
N ASP B 66 -31.06 9.22 6.86
CA ASP B 66 -32.26 9.65 6.16
C ASP B 66 -31.83 10.52 4.97
N ASP B 67 -31.96 9.97 3.77
CA ASP B 67 -31.46 10.63 2.57
C ASP B 67 -32.10 12.00 2.35
N ALA B 68 -33.39 12.10 2.66
CA ALA B 68 -34.11 13.36 2.50
C ALA B 68 -33.58 14.41 3.47
N GLN B 69 -33.17 13.99 4.66
CA GLN B 69 -32.62 14.94 5.63
C GLN B 69 -31.26 15.45 5.19
N CYS B 70 -30.43 14.58 4.61
CA CYS B 70 -29.17 15.00 4.03
C CYS B 70 -29.42 16.03 2.94
N ARG B 71 -30.32 15.69 2.03
CA ARG B 71 -30.70 16.56 0.92
C ARG B 71 -31.14 17.93 1.40
N ASP B 72 -32.05 17.95 2.38
CA ASP B 72 -32.61 19.22 2.83
C ASP B 72 -31.63 20.04 3.64
N ALA B 73 -30.75 19.38 4.39
CA ALA B 73 -29.79 20.09 5.22
C ALA B 73 -28.73 20.75 4.34
N VAL B 74 -28.31 20.07 3.28
CA VAL B 74 -27.38 20.68 2.34
C VAL B 74 -28.04 21.87 1.63
N ALA B 75 -29.32 21.70 1.27
CA ALA B 75 -30.08 22.78 0.62
C ALA B 75 -30.17 24.00 1.53
N GLN B 76 -30.45 23.77 2.81
CA GLN B 76 -30.52 24.86 3.78
C GLN B 76 -29.19 25.58 3.94
N THR B 77 -28.11 24.83 3.91
CA THR B 77 -26.78 25.40 4.03
C THR B 77 -26.45 26.31 2.85
N ILE B 78 -26.79 25.85 1.65
CA ILE B 78 -26.58 26.65 0.45
C ILE B 78 -27.48 27.90 0.47
N ALA B 79 -28.71 27.75 0.95
CA ALA B 79 -29.60 28.90 1.05
C ALA B 79 -29.04 29.97 1.99
N THR B 80 -28.41 29.52 3.08
CA THR B 80 -27.85 30.42 4.09
C THR B 80 -26.57 31.12 3.63
N PHE B 81 -25.69 30.38 2.97
CA PHE B 81 -24.34 30.86 2.68
C PHE B 81 -24.06 31.11 1.21
N GLY B 82 -24.87 30.51 0.33
CA GLY B 82 -24.70 30.68 -1.09
C GLY B 82 -23.57 29.90 -1.72
N ARG B 83 -22.85 29.13 -0.91
CA ARG B 83 -21.68 28.42 -1.39
C ARG B 83 -21.34 27.30 -0.43
N LEU B 84 -20.57 26.32 -0.92
CA LEU B 84 -19.99 25.28 -0.08
C LEU B 84 -18.56 25.05 -0.53
N ASP B 85 -17.64 25.07 0.43
CA ASP B 85 -16.21 24.93 0.14
C ASP B 85 -15.60 23.61 0.59
N GLY B 86 -16.25 22.94 1.52
CA GLY B 86 -15.74 21.65 1.97
C GLY B 86 -16.80 20.74 2.54
N LEU B 87 -16.48 19.46 2.49
CA LEU B 87 -17.26 18.44 3.18
C LEU B 87 -16.28 17.54 3.93
N VAL B 88 -16.51 17.38 5.23
CA VAL B 88 -15.82 16.36 6.02
C VAL B 88 -16.83 15.28 6.38
N ASN B 89 -16.69 14.11 5.76
CA ASN B 89 -17.47 12.95 6.11
C ASN B 89 -16.81 12.28 7.30
N ASN B 90 -17.49 12.28 8.45
CA ASN B 90 -16.85 11.80 9.68
C ASN B 90 -17.72 10.90 10.54
N ALA B 91 -19.04 11.05 10.47
CA ALA B 91 -19.93 10.28 11.34
C ALA B 91 -19.78 8.78 11.13
N GLY B 92 -19.77 8.03 12.23
CA GLY B 92 -19.69 6.59 12.11
C GLY B 92 -19.71 5.95 13.47
N VAL B 93 -19.80 4.63 13.49
CA VAL B 93 -19.76 3.89 14.74
C VAL B 93 -19.26 2.49 14.46
N ASN B 94 -18.29 2.05 15.25
CA ASN B 94 -17.83 0.68 15.17
C ASN B 94 -18.83 -0.18 15.91
N ASP B 95 -19.71 -0.84 15.15
CA ASP B 95 -20.88 -1.50 15.71
C ASP B 95 -20.72 -3.00 15.93
N GLY B 96 -19.52 -3.52 15.68
CA GLY B 96 -19.19 -4.90 16.02
C GLY B 96 -20.06 -5.97 15.37
N ILE B 97 -20.36 -5.78 14.09
CA ILE B 97 -21.17 -6.72 13.33
C ILE B 97 -20.23 -7.71 12.67
N GLY B 98 -20.13 -8.92 13.22
CA GLY B 98 -19.19 -9.91 12.72
C GLY B 98 -19.73 -10.69 11.53
N LEU B 99 -18.96 -11.66 11.05
N LEU B 99 -18.92 -11.63 11.06
CA LEU B 99 -19.38 -12.46 9.91
CA LEU B 99 -19.27 -12.57 9.99
C LEU B 99 -20.57 -13.36 10.27
C LEU B 99 -20.55 -13.32 10.28
N ASP B 100 -20.77 -13.61 11.56
CA ASP B 100 -21.88 -14.43 12.00
C ASP B 100 -23.21 -13.68 12.10
N ALA B 101 -23.20 -12.36 11.92
CA ALA B 101 -24.38 -11.57 12.23
C ALA B 101 -25.48 -11.67 11.17
N GLY B 102 -25.09 -11.80 9.90
CA GLY B 102 -26.07 -11.98 8.84
C GLY B 102 -26.37 -10.70 8.08
N ARG B 103 -27.15 -10.84 7.01
CA ARG B 103 -27.41 -9.76 6.06
C ARG B 103 -27.96 -8.48 6.69
N ASP B 104 -29.04 -8.61 7.46
CA ASP B 104 -29.71 -7.41 7.94
C ASP B 104 -28.80 -6.56 8.81
N ALA B 105 -28.01 -7.23 9.66
CA ALA B 105 -27.06 -6.52 10.52
C ALA B 105 -25.94 -5.88 9.72
N PHE B 106 -25.45 -6.60 8.71
CA PHE B 106 -24.40 -6.08 7.84
C PHE B 106 -24.89 -4.85 7.07
N VAL B 107 -26.06 -4.94 6.45
CA VAL B 107 -26.61 -3.80 5.71
C VAL B 107 -26.87 -2.60 6.62
N ALA B 108 -27.36 -2.86 7.83
CA ALA B 108 -27.59 -1.76 8.79
C ALA B 108 -26.29 -1.04 9.14
N SER B 109 -25.20 -1.80 9.24
CA SER B 109 -23.88 -1.23 9.48
C SER B 109 -23.44 -0.36 8.29
N LEU B 110 -23.67 -0.84 7.06
CA LEU B 110 -23.39 -0.02 5.88
C LEU B 110 -24.19 1.27 5.90
N GLU B 111 -25.45 1.21 6.34
CA GLU B 111 -26.24 2.44 6.46
C GLU B 111 -25.67 3.40 7.48
N ARG B 112 -25.18 2.88 8.60
CA ARG B 112 -24.64 3.70 9.69
C ARG B 112 -23.32 4.35 9.35
N ASN B 113 -22.61 3.74 8.41
CA ASN B 113 -21.24 4.17 8.12
C ASN B 113 -21.01 4.60 6.68
N LEU B 114 -21.16 3.67 5.77
CA LEU B 114 -20.80 3.91 4.38
C LEU B 114 -21.78 4.79 3.62
N ILE B 115 -23.06 4.44 3.68
CA ILE B 115 -24.00 4.97 2.69
C ILE B 115 -24.17 6.48 2.79
N HIS B 116 -24.10 7.04 3.99
CA HIS B 116 -24.21 8.49 4.11
C HIS B 116 -22.96 9.25 3.67
N TYR B 117 -21.79 8.59 3.61
CA TYR B 117 -20.65 9.28 3.02
C TYR B 117 -20.94 9.51 1.55
N TYR B 118 -21.52 8.51 0.90
CA TYR B 118 -21.92 8.65 -0.49
C TYR B 118 -23.04 9.70 -0.64
N ALA B 119 -24.08 9.58 0.18
CA ALA B 119 -25.20 10.53 0.13
C ALA B 119 -24.71 11.96 0.28
N MET B 120 -23.84 12.19 1.25
CA MET B 120 -23.34 13.54 1.49
C MET B 120 -22.49 14.04 0.33
N ALA B 121 -21.64 13.20 -0.23
CA ALA B 121 -20.86 13.61 -1.40
C ALA B 121 -21.78 13.89 -2.59
N HIS B 122 -22.79 13.04 -2.75
CA HIS B 122 -23.78 13.19 -3.82
C HIS B 122 -24.43 14.57 -3.75
N TYR B 123 -24.82 14.99 -2.55
CA TYR B 123 -25.50 16.29 -2.42
C TYR B 123 -24.55 17.48 -2.36
N CYS B 124 -23.31 17.25 -1.93
CA CYS B 124 -22.34 18.35 -1.77
C CYS B 124 -21.51 18.64 -2.99
N VAL B 125 -21.10 17.61 -3.72
CA VAL B 125 -20.22 17.79 -4.88
C VAL B 125 -20.69 18.81 -5.93
N PRO B 126 -22.02 18.87 -6.24
CA PRO B 126 -22.41 19.86 -7.24
C PRO B 126 -22.06 21.29 -6.83
N HIS B 127 -22.03 21.55 -5.52
CA HIS B 127 -21.69 22.87 -5.02
C HIS B 127 -20.18 23.06 -4.83
N LEU B 128 -19.49 22.00 -4.44
CA LEU B 128 -18.04 22.06 -4.29
C LEU B 128 -17.36 22.40 -5.62
N LYS B 129 -17.95 21.98 -6.73
CA LYS B 129 -17.34 22.23 -8.02
C LYS B 129 -17.14 23.74 -8.27
N ALA B 130 -18.17 24.52 -7.95
CA ALA B 130 -18.15 25.95 -8.20
C ALA B 130 -17.02 26.69 -7.43
N THR B 131 -16.69 26.17 -6.26
CA THR B 131 -15.70 26.80 -5.40
C THR B 131 -14.33 26.11 -5.45
N ARG B 132 -14.19 25.09 -6.30
CA ARG B 132 -13.01 24.23 -6.32
C ARG B 132 -12.67 23.79 -4.89
N GLY B 133 -13.69 23.28 -4.22
CA GLY B 133 -13.60 22.92 -2.82
C GLY B 133 -12.97 21.57 -2.61
N ALA B 134 -13.17 21.01 -1.43
CA ALA B 134 -12.48 19.77 -1.08
C ALA B 134 -13.31 18.86 -0.19
N ILE B 135 -13.02 17.57 -0.27
CA ILE B 135 -13.63 16.57 0.60
C ILE B 135 -12.55 15.90 1.42
N VAL B 136 -12.82 15.69 2.71
CA VAL B 136 -12.02 14.79 3.51
C VAL B 136 -12.93 13.71 4.10
N ASN B 137 -12.53 12.45 3.88
CA ASN B 137 -13.24 11.29 4.41
C ASN B 137 -12.46 10.75 5.60
N ILE B 138 -13.07 10.71 6.78
CA ILE B 138 -12.41 10.11 7.95
C ILE B 138 -12.71 8.61 7.94
N SER B 139 -11.65 7.80 7.84
CA SER B 139 -11.82 6.35 7.79
C SER B 139 -11.31 5.75 9.11
N SER B 140 -10.64 4.60 9.06
CA SER B 140 -10.16 3.90 10.25
C SER B 140 -9.09 2.92 9.82
N LYS B 141 -8.09 2.70 10.68
CA LYS B 141 -7.06 1.71 10.40
C LYS B 141 -7.65 0.34 10.09
N THR B 142 -8.83 0.06 10.66
CA THR B 142 -9.47 -1.24 10.49
C THR B 142 -9.77 -1.55 9.02
N ALA B 143 -9.92 -0.51 8.20
CA ALA B 143 -10.09 -0.68 6.76
C ALA B 143 -8.94 -1.45 6.12
N VAL B 144 -7.74 -1.33 6.68
N VAL B 144 -7.77 -1.37 6.74
CA VAL B 144 -6.61 -2.08 6.12
CA VAL B 144 -6.57 -1.98 6.17
C VAL B 144 -6.04 -3.14 7.06
C VAL B 144 -6.02 -3.09 7.06
N THR B 145 -6.25 -3.00 8.36
CA THR B 145 -5.69 -3.99 9.30
C THR B 145 -6.65 -5.10 9.69
N GLY B 146 -7.94 -4.87 9.48
CA GLY B 146 -8.96 -5.71 10.10
C GLY B 146 -9.01 -5.49 11.60
N GLN B 147 -9.96 -6.15 12.24
CA GLN B 147 -10.04 -6.14 13.69
C GLN B 147 -10.53 -7.48 14.21
N GLY B 148 -11.53 -8.05 13.54
CA GLY B 148 -11.91 -9.43 13.83
C GLY B 148 -13.37 -9.75 14.06
N ASN B 149 -14.13 -8.80 14.57
CA ASN B 149 -15.58 -9.02 14.68
C ASN B 149 -16.32 -7.76 14.31
N THR B 150 -15.94 -7.17 13.19
CA THR B 150 -16.55 -5.94 12.75
C THR B 150 -16.56 -5.81 11.22
N SER B 151 -17.08 -6.85 10.56
CA SER B 151 -17.26 -6.84 9.10
C SER B 151 -17.99 -5.60 8.59
N GLY B 152 -19.06 -5.17 9.26
CA GLY B 152 -19.84 -4.05 8.76
C GLY B 152 -19.05 -2.76 8.71
N TYR B 153 -18.38 -2.45 9.81
CA TYR B 153 -17.57 -1.24 9.93
C TYR B 153 -16.33 -1.33 9.06
N CYS B 154 -15.67 -2.48 9.09
CA CYS B 154 -14.49 -2.68 8.24
C CYS B 154 -14.84 -2.46 6.77
N ALA B 155 -15.87 -3.14 6.30
CA ALA B 155 -16.31 -2.97 4.90
C ALA B 155 -16.59 -1.51 4.60
N SER B 156 -17.29 -0.84 5.50
CA SER B 156 -17.63 0.56 5.30
C SER B 156 -16.38 1.42 5.21
N LYS B 157 -15.46 1.22 6.13
CA LYS B 157 -14.27 2.08 6.19
C LYS B 157 -13.36 1.84 4.99
N GLY B 158 -13.31 0.61 4.51
CA GLY B 158 -12.54 0.29 3.32
C GLY B 158 -13.18 0.85 2.06
N ALA B 159 -14.50 0.76 1.96
CA ALA B 159 -15.22 1.39 0.84
C ALA B 159 -14.96 2.89 0.81
N GLN B 160 -14.81 3.51 1.99
CA GLN B 160 -14.54 4.95 2.07
C GLN B 160 -13.17 5.30 1.49
N LEU B 161 -12.19 4.42 1.70
CA LEU B 161 -10.87 4.64 1.10
C LEU B 161 -10.93 4.49 -0.40
N ALA B 162 -11.64 3.48 -0.88
CA ALA B 162 -11.79 3.27 -2.32
C ALA B 162 -12.51 4.47 -2.94
N LEU B 163 -13.57 4.94 -2.29
CA LEU B 163 -14.32 6.09 -2.81
C LEU B 163 -13.49 7.37 -2.82
N THR B 164 -12.51 7.46 -1.92
CA THR B 164 -11.58 8.59 -1.93
C THR B 164 -10.81 8.63 -3.27
N ARG B 165 -10.33 7.48 -3.71
CA ARG B 165 -9.65 7.39 -5.02
C ARG B 165 -10.60 7.68 -6.17
N GLU B 166 -11.77 7.05 -6.14
CA GLU B 166 -12.80 7.24 -7.16
C GLU B 166 -13.22 8.68 -7.33
N TRP B 167 -13.55 9.36 -6.24
CA TRP B 167 -14.01 10.73 -6.34
C TRP B 167 -12.88 11.67 -6.75
N ALA B 168 -11.65 11.39 -6.30
CA ALA B 168 -10.49 12.15 -6.77
C ALA B 168 -10.37 12.10 -8.30
N VAL B 169 -10.54 10.91 -8.88
CA VAL B 169 -10.55 10.78 -10.33
C VAL B 169 -11.73 11.55 -10.93
N ALA B 170 -12.92 11.31 -10.38
CA ALA B 170 -14.13 11.88 -10.95
C ALA B 170 -14.10 13.39 -11.00
N LEU B 171 -13.45 14.00 -10.01
CA LEU B 171 -13.56 15.45 -9.84
C LEU B 171 -12.31 16.21 -10.20
N ARG B 172 -11.30 15.51 -10.74
CA ARG B 172 -10.00 16.14 -11.02
C ARG B 172 -10.11 17.37 -11.92
N GLU B 173 -10.98 17.32 -12.93
CA GLU B 173 -11.09 18.43 -13.88
C GLU B 173 -11.74 19.66 -13.28
N HIS B 174 -12.45 19.46 -12.17
CA HIS B 174 -13.14 20.54 -11.48
C HIS B 174 -12.28 21.11 -10.36
N GLY B 175 -11.09 20.54 -10.15
CA GLY B 175 -10.19 21.00 -9.12
C GLY B 175 -10.67 20.72 -7.71
N VAL B 176 -11.58 19.75 -7.56
CA VAL B 176 -12.06 19.36 -6.24
C VAL B 176 -11.22 18.20 -5.76
N ARG B 177 -10.46 18.42 -4.69
CA ARG B 177 -9.57 17.39 -4.14
C ARG B 177 -10.33 16.54 -3.13
N VAL B 178 -10.00 15.25 -3.08
CA VAL B 178 -10.66 14.32 -2.18
C VAL B 178 -9.61 13.47 -1.53
N ASN B 179 -9.52 13.53 -0.19
CA ASN B 179 -8.53 12.76 0.54
C ASN B 179 -9.14 12.12 1.78
N ALA B 180 -8.41 11.19 2.39
CA ALA B 180 -8.89 10.51 3.57
C ALA B 180 -7.88 10.65 4.69
N VAL B 181 -8.38 10.64 5.92
CA VAL B 181 -7.50 10.53 7.08
C VAL B 181 -7.84 9.23 7.78
N ILE B 182 -6.81 8.49 8.14
CA ILE B 182 -6.96 7.18 8.77
C ILE B 182 -6.40 7.22 10.19
N PRO B 183 -7.28 7.35 11.18
CA PRO B 183 -6.88 7.26 12.58
C PRO B 183 -6.77 5.80 13.00
N ALA B 184 -6.10 5.56 14.11
CA ALA B 184 -6.17 4.23 14.72
C ALA B 184 -6.88 4.34 16.06
N GLU B 185 -6.13 4.62 17.12
CA GLU B 185 -6.70 4.74 18.44
C GLU B 185 -6.76 6.20 18.86
N VAL B 186 -7.97 6.75 18.95
CA VAL B 186 -8.14 8.15 19.27
C VAL B 186 -9.01 8.27 20.51
N MET B 187 -8.51 8.97 21.53
CA MET B 187 -9.30 9.12 22.76
C MET B 187 -10.40 10.15 22.58
N THR B 188 -11.65 9.72 22.77
CA THR B 188 -12.82 10.60 22.71
C THR B 188 -13.73 10.25 23.88
N PRO B 189 -14.69 11.13 24.22
CA PRO B 189 -15.62 10.76 25.29
C PRO B 189 -16.37 9.44 25.04
N LEU B 190 -16.75 9.15 23.80
CA LEU B 190 -17.39 7.86 23.50
C LEU B 190 -16.47 6.66 23.74
N TYR B 191 -15.20 6.80 23.39
CA TYR B 191 -14.22 5.74 23.63
C TYR B 191 -14.03 5.59 25.14
N ARG B 192 -13.97 6.73 25.83
CA ARG B 192 -13.79 6.71 27.28
C ARG B 192 -14.97 5.99 27.96
N ASN B 193 -16.17 6.25 27.46
CA ASN B 193 -17.37 5.59 27.98
C ASN B 193 -17.36 4.09 27.76
N TRP B 194 -16.86 3.66 26.60
CA TRP B 194 -16.76 2.24 26.28
C TRP B 194 -15.75 1.55 27.20
N ILE B 195 -14.60 2.20 27.37
CA ILE B 195 -13.56 1.71 28.27
C ILE B 195 -14.10 1.61 29.70
N ALA B 196 -15.01 2.50 30.06
CA ALA B 196 -15.58 2.54 31.41
C ALA B 196 -16.48 1.34 31.72
N THR B 197 -16.87 0.58 30.70
CA THR B 197 -17.69 -0.61 30.90
C THR B 197 -16.85 -1.79 31.35
N PHE B 198 -15.53 -1.65 31.27
CA PHE B 198 -14.63 -2.74 31.66
C PHE B 198 -14.38 -2.75 33.16
N GLU B 199 -13.99 -3.91 33.69
CA GLU B 199 -13.75 -4.06 35.12
C GLU B 199 -12.75 -3.04 35.65
N ASP B 200 -11.65 -2.87 34.91
CA ASP B 200 -10.56 -1.99 35.32
C ASP B 200 -10.29 -1.05 34.15
N PRO B 201 -11.04 0.05 34.07
CA PRO B 201 -10.94 0.95 32.91
C PRO B 201 -9.53 1.49 32.68
N GLU B 202 -8.84 1.88 33.75
CA GLU B 202 -7.48 2.40 33.60
C GLU B 202 -6.53 1.37 33.01
N ALA B 203 -6.66 0.12 33.44
CA ALA B 203 -5.81 -0.96 32.92
C ALA B 203 -6.17 -1.27 31.47
N LYS B 204 -7.46 -1.22 31.13
CA LYS B 204 -7.87 -1.46 29.76
C LYS B 204 -7.33 -0.37 28.83
N LEU B 205 -7.42 0.88 29.27
CA LEU B 205 -6.89 2.00 28.50
C LEU B 205 -5.39 1.80 28.28
N ALA B 206 -4.68 1.42 29.33
CA ALA B 206 -3.23 1.25 29.25
C ALA B 206 -2.87 0.10 28.29
N GLU B 207 -3.66 -0.96 28.32
CA GLU B 207 -3.43 -2.11 27.45
C GLU B 207 -3.55 -1.74 25.98
N ILE B 208 -4.53 -0.90 25.67
CA ILE B 208 -4.72 -0.44 24.30
C ILE B 208 -3.59 0.53 23.90
N ALA B 209 -3.31 1.49 24.77
CA ALA B 209 -2.29 2.49 24.49
C ALA B 209 -0.90 1.89 24.32
N ALA B 210 -0.62 0.79 25.03
CA ALA B 210 0.69 0.16 25.02
C ALA B 210 1.11 -0.26 23.62
N LYS B 211 0.12 -0.50 22.75
CA LYS B 211 0.39 -0.99 21.41
C LYS B 211 0.61 0.11 20.37
N VAL B 212 0.46 1.38 20.78
CA VAL B 212 0.71 2.49 19.86
C VAL B 212 2.19 2.86 19.87
N PRO B 213 2.88 2.68 18.73
CA PRO B 213 4.35 2.80 18.77
C PRO B 213 4.86 4.16 19.26
N LEU B 214 4.29 5.26 18.77
CA LEU B 214 4.82 6.57 19.13
C LEU B 214 4.27 7.03 20.48
N GLY B 215 5.06 6.84 21.54
CA GLY B 215 4.70 7.35 22.84
C GLY B 215 3.76 6.48 23.67
N ARG B 216 3.37 5.33 23.12
CA ARG B 216 2.47 4.41 23.82
C ARG B 216 1.26 5.14 24.40
N ARG B 217 0.63 5.94 23.54
CA ARG B 217 -0.48 6.78 23.95
C ARG B 217 -1.52 6.86 22.83
N PHE B 218 -2.74 7.21 23.18
CA PHE B 218 -3.77 7.48 22.19
C PHE B 218 -3.46 8.75 21.41
N THR B 219 -3.87 8.75 20.14
CA THR B 219 -3.89 9.97 19.32
C THR B 219 -5.01 10.84 19.87
N THR B 220 -4.87 12.16 19.72
CA THR B 220 -5.93 13.06 20.16
C THR B 220 -6.79 13.47 18.97
N PRO B 221 -8.05 13.85 19.25
CA PRO B 221 -8.87 14.43 18.19
C PRO B 221 -8.22 15.65 17.52
N ASP B 222 -7.51 16.48 18.29
CA ASP B 222 -6.80 17.62 17.72
C ASP B 222 -5.76 17.20 16.69
N GLU B 223 -5.06 16.09 16.94
CA GLU B 223 -4.08 15.60 15.98
C GLU B 223 -4.76 15.17 14.68
N ILE B 224 -5.88 14.46 14.79
CA ILE B 224 -6.63 14.13 13.58
C ILE B 224 -7.10 15.39 12.86
N ALA B 225 -7.63 16.35 13.62
CA ALA B 225 -8.15 17.57 13.03
C ALA B 225 -7.09 18.38 12.29
N ASP B 226 -5.87 18.44 12.82
CA ASP B 226 -4.84 19.27 12.18
C ASP B 226 -4.53 18.77 10.77
N THR B 227 -4.43 17.45 10.62
CA THR B 227 -4.19 16.90 9.28
C THR B 227 -5.43 17.05 8.39
N ALA B 228 -6.62 16.79 8.94
CA ALA B 228 -7.84 16.94 8.14
C ALA B 228 -8.01 18.37 7.61
N VAL B 229 -7.76 19.37 8.46
CA VAL B 229 -7.94 20.75 8.03
C VAL B 229 -6.85 21.18 7.03
N PHE B 230 -5.63 20.72 7.23
CA PHE B 230 -4.57 20.92 6.23
C PHE B 230 -5.02 20.40 4.87
N LEU B 231 -5.60 19.20 4.85
CA LEU B 231 -6.08 18.60 3.60
C LEU B 231 -7.24 19.32 2.94
N LEU B 232 -8.03 20.06 3.73
CA LEU B 232 -9.11 20.86 3.14
C LEU B 232 -8.57 22.11 2.45
N SER B 233 -7.33 22.48 2.76
CA SER B 233 -6.78 23.79 2.39
C SER B 233 -5.98 23.74 1.10
N PRO B 234 -5.84 24.88 0.43
CA PRO B 234 -4.99 24.93 -0.77
C PRO B 234 -3.50 24.78 -0.45
N ARG B 235 -3.12 24.66 0.82
CA ARG B 235 -1.74 24.27 1.12
C ARG B 235 -1.50 22.83 0.68
N ALA B 236 -2.57 22.07 0.53
CA ALA B 236 -2.50 20.70 0.02
C ALA B 236 -3.01 20.63 -1.42
N SER B 237 -2.72 21.68 -2.20
CA SER B 237 -3.29 21.86 -3.54
C SER B 237 -2.90 20.84 -4.62
N HIS B 238 -1.89 20.02 -4.38
CA HIS B 238 -1.63 18.91 -5.30
C HIS B 238 -1.75 17.55 -4.65
N THR B 239 -2.48 17.49 -3.55
CA THR B 239 -2.75 16.23 -2.89
C THR B 239 -4.19 15.86 -3.14
N THR B 240 -4.41 14.76 -3.87
CA THR B 240 -5.77 14.25 -4.08
C THR B 240 -5.71 12.75 -4.23
N GLY B 241 -6.75 12.09 -3.73
CA GLY B 241 -6.85 10.64 -3.73
C GLY B 241 -6.09 9.95 -2.61
N GLU B 242 -5.46 10.72 -1.74
CA GLU B 242 -4.53 10.14 -0.78
C GLU B 242 -5.16 9.70 0.52
N TRP B 243 -4.52 8.73 1.16
CA TRP B 243 -4.91 8.22 2.47
C TRP B 243 -3.80 8.59 3.45
N LEU B 244 -4.09 9.56 4.32
CA LEU B 244 -3.09 10.00 5.30
C LEU B 244 -3.33 9.30 6.63
N PHE B 245 -2.34 8.52 7.05
CA PHE B 245 -2.42 7.81 8.32
C PHE B 245 -1.90 8.69 9.44
N VAL B 246 -2.76 8.92 10.44
CA VAL B 246 -2.39 9.74 11.59
C VAL B 246 -2.68 8.86 12.80
N ASP B 247 -1.68 8.09 13.18
CA ASP B 247 -1.95 6.90 13.99
C ASP B 247 -0.81 6.47 14.91
N GLY B 248 0.22 7.31 15.07
CA GLY B 248 1.33 6.99 15.96
C GLY B 248 2.14 5.79 15.51
N GLY B 249 2.03 5.43 14.24
CA GLY B 249 2.74 4.28 13.69
C GLY B 249 2.00 2.95 13.81
N TYR B 250 0.74 2.99 14.21
CA TYR B 250 -0.03 1.79 14.47
C TYR B 250 -0.10 0.84 13.27
N THR B 251 -0.39 1.39 12.10
CA THR B 251 -0.64 0.54 10.94
C THR B 251 0.65 0.00 10.34
N HIS B 252 1.68 0.83 10.27
CA HIS B 252 2.82 0.53 9.42
C HIS B 252 4.11 0.08 10.08
N LEU B 253 4.24 0.27 11.39
CA LEU B 253 5.49 -0.09 12.05
C LEU B 253 5.42 -1.50 12.64
N ASP B 254 6.59 -2.15 12.66
CA ASP B 254 6.78 -3.53 13.13
C ASP B 254 5.88 -3.89 14.31
N ARG B 255 5.04 -4.92 14.12
CA ARG B 255 4.16 -5.38 15.20
C ARG B 255 4.92 -5.86 16.44
N ALA B 256 6.20 -6.19 16.27
CA ALA B 256 6.97 -6.81 17.37
C ALA B 256 7.56 -5.79 18.32
N LEU B 257 7.54 -4.51 17.95
CA LEU B 257 8.09 -3.50 18.83
C LEU B 257 7.25 -3.38 20.10
N VAL B 258 7.89 -3.03 21.21
CA VAL B 258 7.18 -2.76 22.44
C VAL B 258 7.27 -1.27 22.76
N MET C 1 3.60 -28.86 -9.78
CA MET C 1 3.31 -28.56 -8.37
C MET C 1 1.96 -29.13 -7.96
N ASP C 2 1.98 -30.09 -7.03
CA ASP C 2 0.75 -30.69 -6.50
C ASP C 2 0.10 -29.70 -5.54
N LEU C 3 -1.09 -29.23 -5.90
CA LEU C 3 -1.79 -28.25 -5.07
C LEU C 3 -2.59 -28.88 -3.95
N ASN C 4 -2.69 -30.21 -3.96
N ASN C 4 -2.67 -30.22 -3.92
CA ASN C 4 -3.41 -30.95 -2.94
CA ASN C 4 -3.42 -30.93 -2.90
C ASN C 4 -4.86 -30.49 -2.78
C ASN C 4 -4.87 -30.47 -2.76
N LEU C 5 -5.53 -30.29 -3.91
CA LEU C 5 -6.92 -29.88 -3.93
C LEU C 5 -7.82 -31.00 -4.40
N GLN C 6 -7.27 -32.20 -4.54
CA GLN C 6 -8.05 -33.32 -5.04
C GLN C 6 -9.25 -33.61 -4.12
N ASP C 7 -10.43 -33.70 -4.73
CA ASP C 7 -11.68 -33.96 -4.02
C ASP C 7 -12.12 -32.86 -3.06
N LYS C 8 -11.49 -31.70 -3.15
CA LYS C 8 -11.87 -30.57 -2.30
C LYS C 8 -13.03 -29.81 -2.95
N VAL C 9 -14.04 -29.48 -2.16
CA VAL C 9 -15.29 -28.93 -2.67
C VAL C 9 -15.22 -27.40 -2.56
N VAL C 10 -15.34 -26.72 -3.69
CA VAL C 10 -15.14 -25.27 -3.75
C VAL C 10 -16.28 -24.60 -4.50
N ILE C 11 -17.01 -23.71 -3.81
CA ILE C 11 -18.08 -22.95 -4.45
C ILE C 11 -17.48 -21.76 -5.19
N VAL C 12 -17.88 -21.55 -6.45
CA VAL C 12 -17.42 -20.40 -7.22
C VAL C 12 -18.62 -19.59 -7.68
N THR C 13 -18.74 -18.36 -7.19
CA THR C 13 -19.91 -17.57 -7.57
C THR C 13 -19.64 -16.89 -8.90
N GLY C 14 -20.67 -16.82 -9.74
CA GLY C 14 -20.48 -16.43 -11.13
C GLY C 14 -19.48 -17.34 -11.81
N GLY C 15 -19.51 -18.63 -11.47
CA GLY C 15 -18.46 -19.56 -11.83
C GLY C 15 -18.55 -20.23 -13.20
N ALA C 16 -19.40 -19.71 -14.08
CA ALA C 16 -19.60 -20.37 -15.37
C ALA C 16 -19.18 -19.54 -16.60
N SER C 17 -18.61 -18.37 -16.36
CA SER C 17 -18.14 -17.54 -17.47
C SER C 17 -17.04 -16.61 -16.98
N GLY C 18 -16.26 -16.09 -17.93
CA GLY C 18 -15.21 -15.14 -17.61
C GLY C 18 -14.24 -15.68 -16.59
N ILE C 19 -13.84 -14.83 -15.64
CA ILE C 19 -12.91 -15.22 -14.59
C ILE C 19 -13.44 -16.41 -13.77
N GLY C 20 -14.70 -16.34 -13.37
CA GLY C 20 -15.31 -17.41 -12.60
C GLY C 20 -15.25 -18.75 -13.31
N GLY C 21 -15.57 -18.74 -14.61
CA GLY C 21 -15.51 -19.97 -15.41
C GLY C 21 -14.11 -20.56 -15.47
N ALA C 22 -13.11 -19.69 -15.61
CA ALA C 22 -11.72 -20.13 -15.69
C ALA C 22 -11.28 -20.73 -14.36
N ILE C 23 -11.77 -20.17 -13.26
CA ILE C 23 -11.45 -20.69 -11.94
C ILE C 23 -12.08 -22.08 -11.76
N SER C 24 -13.34 -22.22 -12.14
CA SER C 24 -14.01 -23.53 -12.08
C SER C 24 -13.26 -24.59 -12.90
N MET C 25 -12.86 -24.21 -14.12
CA MET C 25 -12.14 -25.13 -15.00
C MET C 25 -10.79 -25.54 -14.43
N ARG C 26 -10.04 -24.58 -13.89
CA ARG C 26 -8.74 -24.90 -13.31
C ARG C 26 -8.92 -25.80 -12.08
N LEU C 27 -9.93 -25.51 -11.25
CA LEU C 27 -10.24 -26.37 -10.11
C LEU C 27 -10.49 -27.79 -10.59
N ALA C 28 -11.31 -27.94 -11.62
CA ALA C 28 -11.59 -29.26 -12.16
C ALA C 28 -10.32 -29.94 -12.66
N GLU C 29 -9.44 -29.17 -13.30
CA GLU C 29 -8.18 -29.69 -13.80
C GLU C 29 -7.30 -30.22 -12.66
N GLU C 30 -7.38 -29.56 -11.51
CA GLU C 30 -6.62 -29.97 -10.33
C GLU C 30 -7.34 -31.06 -9.56
N ARG C 31 -8.43 -31.56 -10.12
CA ARG C 31 -9.26 -32.63 -9.55
C ARG C 31 -10.03 -32.21 -8.28
N ALA C 32 -10.10 -30.91 -8.04
CA ALA C 32 -11.02 -30.38 -7.04
C ALA C 32 -12.44 -30.50 -7.60
N ILE C 33 -13.44 -30.18 -6.78
CA ILE C 33 -14.82 -30.26 -7.20
C ILE C 33 -15.44 -28.87 -7.17
N PRO C 34 -15.46 -28.18 -8.32
CA PRO C 34 -16.08 -26.85 -8.32
C PRO C 34 -17.60 -26.97 -8.29
N VAL C 35 -18.22 -26.06 -7.56
CA VAL C 35 -19.67 -25.98 -7.44
C VAL C 35 -20.05 -24.57 -7.89
N VAL C 36 -20.67 -24.47 -9.05
CA VAL C 36 -20.97 -23.17 -9.64
C VAL C 36 -22.27 -22.60 -9.11
N PHE C 37 -22.22 -21.41 -8.52
CA PHE C 37 -23.43 -20.68 -8.16
C PHE C 37 -23.56 -19.56 -9.15
N ALA C 38 -24.63 -19.56 -9.94
CA ALA C 38 -24.84 -18.47 -10.88
C ALA C 38 -26.33 -18.35 -11.21
N ARG C 39 -26.73 -17.17 -11.65
CA ARG C 39 -28.13 -16.91 -11.93
C ARG C 39 -28.63 -17.74 -13.10
N HIS C 40 -27.80 -17.86 -14.14
CA HIS C 40 -28.19 -18.53 -15.36
C HIS C 40 -27.43 -19.83 -15.57
N ALA C 41 -28.07 -20.78 -16.24
CA ALA C 41 -27.43 -22.05 -16.57
C ALA C 41 -26.21 -21.81 -17.42
N PRO C 42 -25.09 -22.49 -17.08
CA PRO C 42 -23.87 -22.43 -17.88
C PRO C 42 -24.12 -23.01 -19.27
N ASP C 43 -23.40 -22.58 -20.29
N ASP C 43 -23.30 -22.61 -20.23
CA ASP C 43 -23.66 -23.17 -21.61
CA ASP C 43 -23.22 -23.20 -21.57
C ASP C 43 -23.23 -24.63 -21.64
C ASP C 43 -23.24 -24.73 -21.54
N GLY C 44 -23.81 -25.36 -22.57
CA GLY C 44 -23.68 -26.80 -22.67
C GLY C 44 -22.23 -27.25 -22.85
N ALA C 45 -21.48 -26.50 -23.66
CA ALA C 45 -20.09 -26.84 -23.92
C ALA C 45 -19.24 -26.67 -22.67
N PHE C 46 -19.57 -25.65 -21.87
CA PHE C 46 -18.89 -25.44 -20.60
C PHE C 46 -19.10 -26.61 -19.66
N LEU C 47 -20.36 -27.04 -19.53
CA LEU C 47 -20.68 -28.16 -18.65
C LEU C 47 -20.03 -29.46 -19.09
N ASP C 48 -20.02 -29.72 -20.40
CA ASP C 48 -19.37 -30.91 -20.93
C ASP C 48 -17.88 -30.91 -20.61
N ALA C 49 -17.24 -29.77 -20.85
CA ALA C 49 -15.80 -29.64 -20.62
C ALA C 49 -15.49 -29.78 -19.13
N LEU C 50 -16.35 -29.22 -18.29
CA LEU C 50 -16.18 -29.31 -16.85
C LEU C 50 -16.31 -30.75 -16.35
N ALA C 51 -17.35 -31.44 -16.82
CA ALA C 51 -17.65 -32.81 -16.39
C ALA C 51 -16.57 -33.77 -16.85
N GLN C 52 -15.97 -33.44 -17.99
CA GLN C 52 -14.88 -34.22 -18.57
C GLN C 52 -13.66 -34.24 -17.65
N ARG C 53 -13.43 -33.12 -16.96
CA ARG C 53 -12.33 -33.01 -16.02
C ARG C 53 -12.73 -33.52 -14.65
N GLN C 54 -13.99 -33.24 -14.28
CA GLN C 54 -14.49 -33.55 -12.95
C GLN C 54 -15.98 -33.87 -13.02
N PRO C 55 -16.32 -35.17 -13.13
CA PRO C 55 -17.71 -35.61 -13.27
C PRO C 55 -18.59 -35.17 -12.11
N ARG C 56 -17.99 -34.92 -10.94
CA ARG C 56 -18.76 -34.57 -9.76
C ARG C 56 -19.03 -33.07 -9.65
N ALA C 57 -18.45 -32.29 -10.56
CA ALA C 57 -18.66 -30.83 -10.56
C ALA C 57 -20.15 -30.56 -10.77
N THR C 58 -20.66 -29.53 -10.11
N THR C 58 -20.65 -29.51 -10.16
CA THR C 58 -22.09 -29.23 -10.15
CA THR C 58 -22.07 -29.23 -10.21
C THR C 58 -22.37 -27.74 -10.43
C THR C 58 -22.38 -27.75 -10.40
N TYR C 59 -23.61 -27.47 -10.84
CA TYR C 59 -24.10 -26.11 -11.00
C TYR C 59 -25.42 -26.00 -10.24
N LEU C 60 -25.57 -24.93 -9.47
CA LEU C 60 -26.85 -24.62 -8.84
C LEU C 60 -27.29 -23.23 -9.29
N PRO C 61 -28.53 -23.12 -9.77
CA PRO C 61 -29.08 -21.80 -10.11
C PRO C 61 -29.33 -21.01 -8.82
N VAL C 62 -28.67 -19.86 -8.72
CA VAL C 62 -28.74 -19.04 -7.51
C VAL C 62 -28.79 -17.58 -7.88
N GLU C 63 -29.78 -16.86 -7.36
CA GLU C 63 -29.78 -15.42 -7.40
C GLU C 63 -29.04 -14.95 -6.16
N LEU C 64 -27.78 -14.52 -6.33
CA LEU C 64 -26.92 -14.20 -5.18
C LEU C 64 -27.43 -13.05 -4.33
N GLN C 65 -28.27 -12.19 -4.92
CA GLN C 65 -28.85 -11.07 -4.18
C GLN C 65 -29.99 -11.50 -3.25
N ASP C 66 -30.42 -12.75 -3.37
CA ASP C 66 -31.46 -13.29 -2.51
C ASP C 66 -30.77 -14.08 -1.40
N ASP C 67 -30.82 -13.54 -0.18
CA ASP C 67 -30.13 -14.17 0.95
C ASP C 67 -30.58 -15.61 1.19
N ALA C 68 -31.87 -15.88 1.04
CA ALA C 68 -32.38 -17.20 1.29
C ALA C 68 -31.87 -18.20 0.25
N GLN C 69 -31.68 -17.73 -0.98
CA GLN C 69 -31.14 -18.61 -2.01
C GLN C 69 -29.67 -18.95 -1.76
N CYS C 70 -28.89 -17.98 -1.27
CA CYS C 70 -27.52 -18.27 -0.86
C CYS C 70 -27.50 -19.32 0.24
N ARG C 71 -28.32 -19.08 1.26
CA ARG C 71 -28.44 -19.99 2.40
C ARG C 71 -28.77 -21.41 1.94
N ASP C 72 -29.79 -21.53 1.09
CA ASP C 72 -30.26 -22.84 0.68
C ASP C 72 -29.30 -23.55 -0.27
N ALA C 73 -28.61 -22.77 -1.11
CA ALA C 73 -27.66 -23.36 -2.04
C ALA C 73 -26.43 -23.89 -1.31
N VAL C 74 -25.97 -23.16 -0.29
CA VAL C 74 -24.90 -23.68 0.55
C VAL C 74 -25.37 -24.96 1.25
N ALA C 75 -26.59 -24.94 1.78
CA ALA C 75 -27.13 -26.13 2.45
C ALA C 75 -27.20 -27.33 1.50
N GLN C 76 -27.62 -27.09 0.26
N GLN C 76 -27.62 -27.10 0.27
CA GLN C 76 -27.68 -28.15 -0.74
CA GLN C 76 -27.68 -28.17 -0.73
C GLN C 76 -26.29 -28.72 -1.04
C GLN C 76 -26.29 -28.72 -1.04
N THR C 77 -25.30 -27.84 -1.07
CA THR C 77 -23.94 -28.23 -1.35
C THR C 77 -23.40 -29.13 -0.23
N ILE C 78 -23.67 -28.75 1.02
CA ILE C 78 -23.29 -29.58 2.16
C ILE C 78 -24.04 -30.93 2.12
N ALA C 79 -25.32 -30.91 1.76
CA ALA C 79 -26.09 -32.15 1.69
C ALA C 79 -25.54 -33.11 0.65
N THR C 80 -25.11 -32.57 -0.48
CA THR C 80 -24.56 -33.36 -1.58
C THR C 80 -23.16 -33.92 -1.27
N PHE C 81 -22.29 -33.06 -0.73
CA PHE C 81 -20.87 -33.39 -0.59
C PHE C 81 -20.38 -33.66 0.83
N GLY C 82 -21.14 -33.21 1.82
CA GLY C 82 -20.78 -33.43 3.22
C GLY C 82 -19.67 -32.56 3.75
N ARG C 83 -19.17 -31.63 2.93
CA ARG C 83 -18.04 -30.81 3.33
C ARG C 83 -17.94 -29.61 2.40
N LEU C 84 -17.21 -28.58 2.84
CA LEU C 84 -16.88 -27.45 1.98
C LEU C 84 -15.44 -27.05 2.26
N ASP C 85 -14.65 -26.94 1.20
CA ASP C 85 -13.23 -26.64 1.33
C ASP C 85 -12.81 -25.24 0.87
N GLY C 86 -13.65 -24.61 0.06
CA GLY C 86 -13.32 -23.29 -0.43
C GLY C 86 -14.51 -22.50 -0.91
N LEU C 87 -14.37 -21.19 -0.89
CA LEU C 87 -15.34 -20.27 -1.47
C LEU C 87 -14.58 -19.28 -2.32
N VAL C 88 -14.99 -19.15 -3.58
CA VAL C 88 -14.49 -18.07 -4.41
C VAL C 88 -15.62 -17.11 -4.67
N ASN C 89 -15.54 -15.94 -4.03
CA ASN C 89 -16.49 -14.84 -4.28
C ASN C 89 -16.03 -14.13 -5.54
N ASN C 90 -16.82 -14.20 -6.61
CA ASN C 90 -16.40 -13.63 -7.90
C ASN C 90 -17.48 -12.84 -8.65
N ALA C 91 -18.75 -13.19 -8.46
CA ALA C 91 -19.82 -12.51 -9.21
C ALA C 91 -19.83 -11.01 -8.98
N GLY C 92 -20.02 -10.25 -10.05
CA GLY C 92 -20.12 -8.81 -9.92
C GLY C 92 -20.42 -8.18 -11.26
N VAL C 93 -20.65 -6.88 -11.23
CA VAL C 93 -20.92 -6.14 -12.45
C VAL C 93 -20.53 -4.68 -12.23
N ASN C 94 -19.73 -4.15 -13.13
CA ASN C 94 -19.42 -2.72 -13.10
C ASN C 94 -20.58 -1.95 -13.72
N ASP C 95 -21.45 -1.44 -12.86
CA ASP C 95 -22.72 -0.88 -13.29
C ASP C 95 -22.73 0.64 -13.49
N GLY C 96 -21.58 1.28 -13.34
CA GLY C 96 -21.45 2.68 -13.77
C GLY C 96 -22.34 3.65 -13.03
N ILE C 97 -22.43 3.45 -11.72
CA ILE C 97 -23.24 4.28 -10.85
C ILE C 97 -22.34 5.39 -10.30
N GLY C 98 -22.49 6.59 -10.83
CA GLY C 98 -21.62 7.70 -10.47
C GLY C 98 -22.08 8.45 -9.23
N LEU C 99 -21.33 9.49 -8.90
CA LEU C 99 -21.67 10.41 -7.80
C LEU C 99 -23.05 11.01 -7.96
N ASP C 100 -23.47 11.22 -9.20
CA ASP C 100 -24.75 11.87 -9.48
C ASP C 100 -25.97 10.94 -9.40
N ALA C 101 -25.76 9.64 -9.21
CA ALA C 101 -26.87 8.70 -9.35
C ALA C 101 -27.83 8.67 -8.15
N GLY C 102 -27.29 8.87 -6.95
CA GLY C 102 -28.11 8.90 -5.76
C GLY C 102 -28.19 7.59 -5.01
N ARG C 103 -28.82 7.65 -3.85
CA ARG C 103 -28.92 6.54 -2.90
C ARG C 103 -29.38 5.21 -3.46
N ASP C 104 -30.52 5.20 -4.14
CA ASP C 104 -31.11 3.93 -4.55
C ASP C 104 -30.19 3.20 -5.53
N ALA C 105 -29.60 3.95 -6.44
CA ALA C 105 -28.68 3.36 -7.42
C ALA C 105 -27.40 2.85 -6.75
N PHE C 106 -26.90 3.60 -5.77
CA PHE C 106 -25.68 3.22 -5.08
C PHE C 106 -25.91 1.94 -4.26
N VAL C 107 -27.01 1.92 -3.51
CA VAL C 107 -27.36 0.73 -2.71
C VAL C 107 -27.58 -0.50 -3.59
N ALA C 108 -28.24 -0.33 -4.74
CA ALA C 108 -28.44 -1.45 -5.66
C ALA C 108 -27.11 -1.99 -6.17
N SER C 109 -26.14 -1.10 -6.37
CA SER C 109 -24.80 -1.54 -6.75
C SER C 109 -24.13 -2.35 -5.65
N LEU C 110 -24.28 -1.91 -4.39
CA LEU C 110 -23.77 -2.67 -3.26
C LEU C 110 -24.42 -4.06 -3.22
N GLU C 111 -25.71 -4.14 -3.51
CA GLU C 111 -26.38 -5.46 -3.51
C GLU C 111 -25.82 -6.36 -4.61
N ARG C 112 -25.51 -5.79 -5.76
CA ARG C 112 -25.01 -6.55 -6.91
C ARG C 112 -23.58 -7.01 -6.73
N ASN C 113 -22.84 -6.34 -5.86
CA ASN C 113 -21.40 -6.60 -5.73
C ASN C 113 -20.98 -7.00 -4.32
N LEU C 114 -21.15 -6.09 -3.37
CA LEU C 114 -20.59 -6.27 -2.06
C LEU C 114 -21.36 -7.27 -1.20
N ILE C 115 -22.67 -7.08 -1.14
CA ILE C 115 -23.43 -7.70 -0.06
C ILE C 115 -23.45 -9.22 -0.16
N HIS C 116 -23.45 -9.77 -1.38
CA HIS C 116 -23.42 -11.23 -1.51
C HIS C 116 -22.04 -11.84 -1.23
N TYR C 117 -20.96 -11.06 -1.32
CA TYR C 117 -19.68 -11.58 -0.83
C TYR C 117 -19.77 -11.84 0.67
N TYR C 118 -20.36 -10.90 1.40
CA TYR C 118 -20.60 -11.10 2.83
C TYR C 118 -21.57 -12.26 3.08
N ALA C 119 -22.70 -12.29 2.37
CA ALA C 119 -23.68 -13.36 2.58
C ALA C 119 -23.08 -14.73 2.36
N MET C 120 -22.32 -14.87 1.26
CA MET C 120 -21.71 -16.16 0.97
C MET C 120 -20.66 -16.56 2.02
N ALA C 121 -19.83 -15.62 2.46
CA ALA C 121 -18.86 -15.91 3.51
C ALA C 121 -19.58 -16.28 4.80
N HIS C 122 -20.65 -15.54 5.12
CA HIS C 122 -21.47 -15.82 6.29
C HIS C 122 -21.98 -17.25 6.32
N TYR C 123 -22.47 -17.75 5.18
CA TYR C 123 -23.02 -19.09 5.12
C TYR C 123 -21.96 -20.17 4.96
N CYS C 124 -20.81 -19.82 4.38
CA CYS C 124 -19.79 -20.83 4.12
C CYS C 124 -18.78 -21.03 5.25
N VAL C 125 -18.42 -19.95 5.94
N VAL C 125 -18.41 -19.96 5.95
CA VAL C 125 -17.41 -20.00 6.98
CA VAL C 125 -17.36 -20.07 6.98
C VAL C 125 -17.61 -21.09 8.06
C VAL C 125 -17.60 -21.09 8.10
N PRO C 126 -18.85 -21.28 8.57
CA PRO C 126 -19.00 -22.32 9.59
C PRO C 126 -18.54 -23.69 9.11
N HIS C 127 -18.67 -23.95 7.81
CA HIS C 127 -18.25 -25.21 7.21
C HIS C 127 -16.77 -25.23 6.86
N LEU C 128 -16.25 -24.10 6.40
CA LEU C 128 -14.83 -24.02 6.07
C LEU C 128 -13.94 -24.26 7.28
N LYS C 129 -14.42 -23.89 8.47
CA LYS C 129 -13.65 -24.11 9.68
C LYS C 129 -13.29 -25.58 9.86
N ALA C 130 -14.27 -26.46 9.62
CA ALA C 130 -14.08 -27.89 9.85
C ALA C 130 -13.02 -28.50 8.94
N THR C 131 -12.84 -27.94 7.75
CA THR C 131 -11.88 -28.44 6.79
C THR C 131 -10.60 -27.60 6.70
N ARG C 132 -10.49 -26.58 7.56
CA ARG C 132 -9.44 -25.57 7.45
C ARG C 132 -9.32 -25.10 6.00
N GLY C 133 -10.47 -24.74 5.43
CA GLY C 133 -10.57 -24.34 4.04
C GLY C 133 -10.12 -22.91 3.80
N ALA C 134 -10.50 -22.36 2.66
CA ALA C 134 -9.98 -21.05 2.26
C ALA C 134 -11.00 -20.24 1.47
N ILE C 135 -10.83 -18.93 1.50
CA ILE C 135 -11.67 -18.01 0.73
C ILE C 135 -10.78 -17.21 -0.19
N VAL C 136 -11.22 -17.03 -1.44
CA VAL C 136 -10.62 -16.04 -2.32
C VAL C 136 -11.72 -15.08 -2.78
N ASN C 137 -11.44 -13.79 -2.61
CA ASN C 137 -12.34 -12.72 -3.07
C ASN C 137 -11.74 -12.09 -4.31
N ILE C 138 -12.46 -12.15 -5.43
CA ILE C 138 -12.03 -11.45 -6.64
C ILE C 138 -12.47 -10.00 -6.58
N SER C 139 -11.52 -9.06 -6.60
CA SER C 139 -11.85 -7.64 -6.52
C SER C 139 -11.60 -6.99 -7.88
N SER C 140 -11.07 -5.76 -7.88
CA SER C 140 -10.83 -5.01 -9.12
C SER C 140 -9.85 -3.91 -8.82
N LYS C 141 -8.99 -3.60 -9.80
N LYS C 141 -8.98 -3.60 -9.79
CA LYS C 141 -8.02 -2.52 -9.61
CA LYS C 141 -8.02 -2.51 -9.62
C LYS C 141 -8.69 -1.20 -9.28
C LYS C 141 -8.71 -1.21 -9.24
N THR C 142 -9.95 -1.04 -9.68
CA THR C 142 -10.71 0.18 -9.44
C THR C 142 -10.87 0.47 -7.94
N ALA C 143 -10.84 -0.58 -7.11
CA ALA C 143 -10.81 -0.43 -5.66
C ALA C 143 -9.67 0.45 -5.17
N VAL C 144 -8.56 0.47 -5.88
CA VAL C 144 -7.45 1.30 -5.45
C VAL C 144 -7.11 2.43 -6.42
N THR C 145 -7.45 2.29 -7.70
CA THR C 145 -7.10 3.33 -8.68
C THR C 145 -8.23 4.32 -8.94
N GLY C 146 -9.45 3.92 -8.59
CA GLY C 146 -10.62 4.65 -9.06
C GLY C 146 -10.83 4.44 -10.56
N GLN C 147 -11.94 4.97 -11.07
CA GLN C 147 -12.22 4.92 -12.51
C GLN C 147 -12.95 6.19 -12.94
N GLY C 148 -13.91 6.64 -12.13
CA GLY C 148 -14.50 7.96 -12.32
C GLY C 148 -16.01 8.10 -12.40
N ASN C 149 -16.64 7.01 -12.83
N ASN C 149 -16.74 7.11 -12.89
CA ASN C 149 -18.06 6.95 -13.14
CA ASN C 149 -18.21 7.21 -12.83
C ASN C 149 -18.73 5.78 -12.43
C ASN C 149 -18.78 5.88 -12.36
N THR C 150 -18.15 5.33 -11.33
CA THR C 150 -18.56 4.03 -10.81
C THR C 150 -18.36 3.90 -9.30
N SER C 151 -18.96 4.83 -8.56
CA SER C 151 -18.93 4.82 -7.10
C SER C 151 -19.42 3.52 -6.51
N GLY C 152 -20.52 2.97 -7.04
CA GLY C 152 -21.08 1.75 -6.48
C GLY C 152 -20.14 0.58 -6.57
N TYR C 153 -19.57 0.37 -7.75
CA TYR C 153 -18.65 -0.74 -7.98
C TYR C 153 -17.34 -0.53 -7.23
N CYS C 154 -16.81 0.69 -7.28
CA CYS C 154 -15.58 1.01 -6.59
C CYS C 154 -15.72 0.77 -5.09
N ALA C 155 -16.77 1.32 -4.49
CA ALA C 155 -17.04 1.09 -3.06
C ALA C 155 -17.10 -0.40 -2.75
N SER C 156 -17.83 -1.14 -3.57
CA SER C 156 -17.99 -2.57 -3.33
C SER C 156 -16.66 -3.28 -3.39
N LYS C 157 -15.88 -2.98 -4.43
CA LYS C 157 -14.62 -3.68 -4.64
C LYS C 157 -13.60 -3.32 -3.56
N GLY C 158 -13.63 -2.09 -3.07
CA GLY C 158 -12.76 -1.71 -1.97
C GLY C 158 -13.19 -2.36 -0.66
N ALA C 159 -14.50 -2.43 -0.41
CA ALA C 159 -15.00 -3.12 0.77
C ALA C 159 -14.58 -4.58 0.77
N GLN C 160 -14.55 -5.19 -0.42
CA GLN C 160 -14.09 -6.59 -0.53
C GLN C 160 -12.62 -6.76 -0.14
N LEU C 161 -11.78 -5.77 -0.45
CA LEU C 161 -10.38 -5.83 -0.01
C LEU C 161 -10.29 -5.69 1.51
N ALA C 162 -11.04 -4.74 2.07
CA ALA C 162 -11.06 -4.57 3.52
C ALA C 162 -11.53 -5.84 4.22
N LEU C 163 -12.62 -6.43 3.71
CA LEU C 163 -13.16 -7.66 4.30
C LEU C 163 -12.18 -8.82 4.21
N THR C 164 -11.31 -8.79 3.20
CA THR C 164 -10.28 -9.82 3.08
C THR C 164 -9.34 -9.77 4.31
N ARG C 165 -8.95 -8.56 4.70
CA ARG C 165 -8.13 -8.39 5.89
C ARG C 165 -8.90 -8.77 7.14
N GLU C 166 -10.15 -8.31 7.23
CA GLU C 166 -11.00 -8.58 8.38
C GLU C 166 -11.24 -10.06 8.63
N TRP C 167 -11.61 -10.78 7.58
CA TRP C 167 -11.88 -12.20 7.72
C TRP C 167 -10.61 -12.99 7.98
N ALA C 168 -9.48 -12.55 7.42
CA ALA C 168 -8.21 -13.19 7.76
C ALA C 168 -7.93 -13.11 9.24
N VAL C 169 -8.16 -11.95 9.85
CA VAL C 169 -8.00 -11.82 11.30
C VAL C 169 -9.01 -12.69 12.05
N ALA C 170 -10.28 -12.60 11.64
CA ALA C 170 -11.36 -13.30 12.32
C ALA C 170 -11.14 -14.82 12.37
N LEU C 171 -10.52 -15.35 11.32
CA LEU C 171 -10.48 -16.81 11.16
C LEU C 171 -9.10 -17.40 11.38
N ARG C 172 -8.15 -16.58 11.83
CA ARG C 172 -6.77 -17.02 11.99
C ARG C 172 -6.62 -18.26 12.88
N GLU C 173 -7.37 -18.32 13.98
CA GLU C 173 -7.24 -19.45 14.92
C GLU C 173 -7.78 -20.73 14.34
N HIS C 174 -8.66 -20.61 13.35
CA HIS C 174 -9.32 -21.76 12.75
C HIS C 174 -8.56 -22.27 11.53
N GLY C 175 -7.48 -21.59 11.17
CA GLY C 175 -6.68 -21.99 10.02
C GLY C 175 -7.33 -21.78 8.67
N VAL C 176 -8.35 -20.92 8.62
CA VAL C 176 -9.03 -20.59 7.36
C VAL C 176 -8.40 -19.33 6.80
N ARG C 177 -7.75 -19.47 5.64
CA ARG C 177 -7.08 -18.34 5.01
C ARG C 177 -8.03 -17.59 4.08
N VAL C 178 -7.83 -16.28 4.00
CA VAL C 178 -8.70 -15.41 3.19
C VAL C 178 -7.81 -14.47 2.41
N ASN C 179 -7.89 -14.52 1.08
CA ASN C 179 -7.07 -13.65 0.24
C ASN C 179 -7.87 -13.08 -0.90
N ALA C 180 -7.32 -12.08 -1.57
CA ALA C 180 -8.01 -11.46 -2.70
C ALA C 180 -7.12 -11.47 -3.92
N VAL C 181 -7.74 -11.49 -5.09
CA VAL C 181 -7.02 -11.29 -6.34
C VAL C 181 -7.59 -10.03 -6.98
N ILE C 182 -6.69 -9.17 -7.45
CA ILE C 182 -7.09 -7.92 -8.06
C ILE C 182 -6.70 -7.90 -9.54
N PRO C 183 -7.67 -8.12 -10.43
CA PRO C 183 -7.43 -7.98 -11.87
C PRO C 183 -7.54 -6.53 -12.25
N ALA C 184 -7.04 -6.18 -13.43
CA ALA C 184 -7.31 -4.86 -13.99
C ALA C 184 -8.14 -5.03 -15.24
N GLU C 185 -7.48 -5.21 -16.39
CA GLU C 185 -8.19 -5.39 -17.65
C GLU C 185 -8.09 -6.85 -18.07
N VAL C 186 -9.24 -7.53 -18.09
CA VAL C 186 -9.31 -8.96 -18.42
C VAL C 186 -10.31 -9.15 -19.53
N MET C 187 -9.90 -9.81 -20.61
CA MET C 187 -10.80 -9.99 -21.73
C MET C 187 -11.75 -11.17 -21.49
N THR C 188 -13.04 -10.89 -21.59
CA THR C 188 -14.08 -11.91 -21.44
C THR C 188 -15.11 -11.64 -22.54
N PRO C 189 -15.96 -12.64 -22.86
CA PRO C 189 -17.08 -12.43 -23.78
C PRO C 189 -17.96 -11.21 -23.46
N LEU C 190 -18.27 -10.98 -22.18
CA LEU C 190 -19.10 -9.85 -21.77
C LEU C 190 -18.41 -8.51 -22.05
N TYR C 191 -17.11 -8.45 -21.81
CA TYR C 191 -16.31 -7.25 -22.10
C TYR C 191 -16.32 -7.03 -23.62
N ARG C 192 -16.08 -8.12 -24.34
CA ARG C 192 -16.12 -8.13 -25.81
C ARG C 192 -17.44 -7.57 -26.35
N ASN C 193 -18.54 -7.96 -25.71
CA ASN C 193 -19.88 -7.49 -26.12
C ASN C 193 -20.10 -6.00 -25.83
N TRP C 194 -19.57 -5.52 -24.72
CA TRP C 194 -19.66 -4.10 -24.37
C TRP C 194 -18.89 -3.27 -25.39
N ILE C 195 -17.68 -3.73 -25.70
CA ILE C 195 -16.81 -3.09 -26.69
C ILE C 195 -17.47 -3.06 -28.06
N ALA C 196 -18.27 -4.07 -28.37
CA ALA C 196 -18.94 -4.15 -29.67
C ALA C 196 -20.00 -3.06 -29.88
N THR C 197 -20.37 -2.35 -28.82
CA THR C 197 -21.37 -1.29 -28.91
C THR C 197 -20.75 0.02 -29.41
N PHE C 198 -19.43 0.09 -29.44
CA PHE C 198 -18.74 1.29 -29.90
C PHE C 198 -18.67 1.37 -31.42
N GLU C 199 -18.53 2.57 -31.95
CA GLU C 199 -18.44 2.78 -33.39
C GLU C 199 -17.32 1.94 -34.01
N ASP C 200 -16.18 1.93 -33.34
CA ASP C 200 -15.01 1.20 -33.83
C ASP C 200 -14.47 0.34 -32.69
N PRO C 201 -15.06 -0.86 -32.51
CA PRO C 201 -14.73 -1.74 -31.39
C PRO C 201 -13.25 -2.10 -31.34
N GLU C 202 -12.64 -2.34 -32.50
CA GLU C 202 -11.23 -2.72 -32.54
C GLU C 202 -10.32 -1.58 -32.07
N ALA C 203 -10.65 -0.34 -32.43
CA ALA C 203 -9.89 0.83 -31.97
C ALA C 203 -10.06 1.06 -30.47
N LYS C 204 -11.26 0.81 -29.96
CA LYS C 204 -11.54 0.96 -28.54
C LYS C 204 -10.75 -0.08 -27.74
N LEU C 205 -10.77 -1.32 -28.21
CA LEU C 205 -10.01 -2.40 -27.57
C LEU C 205 -8.53 -2.04 -27.54
N ALA C 206 -8.02 -1.53 -28.65
CA ALA C 206 -6.61 -1.15 -28.76
C ALA C 206 -6.25 -0.03 -27.79
N GLU C 207 -7.15 0.94 -27.67
CA GLU C 207 -6.99 2.06 -26.77
C GLU C 207 -6.80 1.59 -25.33
N ILE C 208 -7.61 0.64 -24.92
CA ILE C 208 -7.54 0.11 -23.56
C ILE C 208 -6.28 -0.71 -23.36
N ALA C 209 -6.02 -1.61 -24.30
CA ALA C 209 -4.91 -2.55 -24.18
C ALA C 209 -3.55 -1.85 -24.18
N ALA C 210 -3.46 -0.72 -24.87
CA ALA C 210 -2.19 0.00 -25.01
C ALA C 210 -1.65 0.47 -23.66
N LYS C 211 -2.52 0.56 -22.67
CA LYS C 211 -2.15 1.06 -21.35
C LYS C 211 -1.67 -0.02 -20.38
N VAL C 212 -1.74 -1.28 -20.78
CA VAL C 212 -1.28 -2.37 -19.91
C VAL C 212 0.22 -2.56 -20.12
N PRO C 213 1.02 -2.33 -19.07
CA PRO C 213 2.48 -2.29 -19.26
C PRO C 213 3.08 -3.58 -19.84
N LEU C 214 2.68 -4.74 -19.34
CA LEU C 214 3.30 -5.98 -19.77
C LEU C 214 2.61 -6.51 -21.03
N GLY C 215 3.22 -6.23 -22.18
CA GLY C 215 2.73 -6.77 -23.44
C GLY C 215 1.64 -5.98 -24.12
N ARG C 216 1.20 -4.89 -23.51
CA ARG C 216 0.14 -4.05 -24.11
C ARG C 216 -1.05 -4.89 -24.54
N ARG C 217 -1.49 -5.76 -23.63
CA ARG C 217 -2.57 -6.69 -23.90
C ARG C 217 -3.38 -6.94 -22.63
N PHE C 218 -4.62 -7.41 -22.81
CA PHE C 218 -5.47 -7.76 -21.68
C PHE C 218 -4.93 -9.01 -20.97
N THR C 219 -5.13 -9.05 -19.66
CA THR C 219 -4.91 -10.27 -18.89
C THR C 219 -5.95 -11.29 -19.32
N THR C 220 -5.61 -12.58 -19.27
CA THR C 220 -6.59 -13.63 -19.58
C THR C 220 -7.29 -14.13 -18.32
N PRO C 221 -8.52 -14.65 -18.48
CA PRO C 221 -9.18 -15.27 -17.33
C PRO C 221 -8.35 -16.40 -16.71
N ASP C 222 -7.65 -17.19 -17.52
CA ASP C 222 -6.79 -18.26 -16.98
C ASP C 222 -5.67 -17.71 -16.10
N GLU C 223 -5.10 -16.56 -16.47
CA GLU C 223 -4.07 -15.95 -15.64
C GLU C 223 -4.64 -15.57 -14.26
N ILE C 224 -5.84 -15.00 -14.25
CA ILE C 224 -6.46 -14.69 -12.96
C ILE C 224 -6.72 -15.99 -12.19
N ALA C 225 -7.23 -17.00 -12.90
CA ALA C 225 -7.59 -18.24 -12.26
C ALA C 225 -6.42 -18.95 -11.62
N ASP C 226 -5.25 -18.93 -12.26
CA ASP C 226 -4.13 -19.69 -11.73
C ASP C 226 -3.62 -19.13 -10.40
N THR C 227 -3.62 -17.80 -10.25
CA THR C 227 -3.28 -17.22 -8.96
C THR C 227 -4.39 -17.48 -7.93
N ALA C 228 -5.65 -17.35 -8.34
CA ALA C 228 -6.76 -17.64 -7.43
C ALA C 228 -6.71 -19.08 -6.88
N VAL C 229 -6.50 -20.05 -7.76
CA VAL C 229 -6.45 -21.44 -7.33
C VAL C 229 -5.20 -21.75 -6.47
N PHE C 230 -4.06 -21.17 -6.81
CA PHE C 230 -2.89 -21.25 -5.95
C PHE C 230 -3.25 -20.80 -4.52
N LEU C 231 -3.96 -19.67 -4.40
CA LEU C 231 -4.33 -19.14 -3.11
C LEU C 231 -5.32 -20.01 -2.32
N LEU C 232 -6.10 -20.82 -3.03
CA LEU C 232 -6.99 -21.78 -2.37
C LEU C 232 -6.24 -22.95 -1.76
N SER C 233 -5.01 -23.18 -2.23
CA SER C 233 -4.31 -24.42 -1.92
C SER C 233 -3.37 -24.28 -0.72
N PRO C 234 -3.07 -25.41 -0.06
CA PRO C 234 -2.09 -25.36 1.04
C PRO C 234 -0.66 -25.03 0.57
N ARG C 235 -0.43 -24.88 -0.74
CA ARG C 235 0.84 -24.31 -1.18
C ARG C 235 0.96 -22.85 -0.73
N ALA C 236 -0.18 -22.21 -0.45
CA ALA C 236 -0.20 -20.83 0.05
C ALA C 236 -0.55 -20.82 1.53
N SER C 237 -0.03 -21.81 2.25
CA SER C 237 -0.41 -22.06 3.64
C SER C 237 -0.03 -21.01 4.68
N HIS C 238 0.85 -20.05 4.35
CA HIS C 238 1.07 -18.94 5.26
C HIS C 238 0.72 -17.60 4.63
N THR C 239 -0.11 -17.64 3.60
CA THR C 239 -0.58 -16.41 2.99
C THR C 239 -2.03 -16.20 3.40
N THR C 240 -2.27 -15.13 4.15
CA THR C 240 -3.63 -14.77 4.52
C THR C 240 -3.73 -13.27 4.68
N GLY C 241 -4.87 -12.73 4.27
CA GLY C 241 -5.16 -11.31 4.31
C GLY C 241 -4.59 -10.53 3.13
N GLU C 242 -4.00 -11.23 2.17
CA GLU C 242 -3.26 -10.56 1.11
C GLU C 242 -4.08 -10.21 -0.12
N TRP C 243 -3.63 -9.17 -0.82
CA TRP C 243 -4.24 -8.73 -2.06
C TRP C 243 -3.21 -8.96 -3.17
N LEU C 244 -3.46 -9.94 -4.03
CA LEU C 244 -2.52 -10.26 -5.11
C LEU C 244 -2.99 -9.62 -6.40
N PHE C 245 -2.16 -8.73 -6.94
CA PHE C 245 -2.49 -8.02 -8.17
C PHE C 245 -2.00 -8.84 -9.36
N VAL C 246 -2.93 -9.16 -10.26
CA VAL C 246 -2.59 -9.94 -11.45
C VAL C 246 -3.09 -9.08 -12.59
N ASP C 247 -2.23 -8.20 -13.10
CA ASP C 247 -2.71 -7.08 -13.88
C ASP C 247 -1.74 -6.52 -14.90
N GLY C 248 -0.66 -7.25 -15.17
CA GLY C 248 0.31 -6.81 -16.16
C GLY C 248 1.01 -5.50 -15.83
N GLY C 249 1.00 -5.12 -14.55
CA GLY C 249 1.66 -3.90 -14.13
C GLY C 249 0.76 -2.68 -14.09
N TYR C 250 -0.52 -2.87 -14.37
CA TYR C 250 -1.47 -1.76 -14.51
C TYR C 250 -1.50 -0.85 -13.28
N THR C 251 -1.63 -1.43 -12.11
CA THR C 251 -1.80 -0.63 -10.91
C THR C 251 -0.52 0.05 -10.43
N HIS C 252 0.61 -0.65 -10.51
CA HIS C 252 1.80 -0.19 -9.79
C HIS C 252 2.94 0.39 -10.60
N LEU C 253 2.95 0.18 -11.91
CA LEU C 253 4.06 0.68 -12.72
C LEU C 253 3.78 2.08 -13.28
N ASP C 254 4.85 2.86 -13.41
CA ASP C 254 4.82 4.25 -13.87
C ASP C 254 3.77 4.51 -14.95
N ARG C 255 2.86 5.45 -14.67
CA ARG C 255 1.79 5.77 -15.63
C ARG C 255 2.35 6.33 -16.95
N ALA C 256 3.57 6.82 -16.90
CA ALA C 256 4.18 7.50 -18.06
C ALA C 256 4.73 6.54 -19.11
N LEU C 257 4.89 5.27 -18.74
CA LEU C 257 5.45 4.32 -19.69
C LEU C 257 4.49 4.10 -20.86
N VAL C 258 5.06 3.81 -22.02
CA VAL C 258 4.27 3.46 -23.19
C VAL C 258 4.52 1.99 -23.49
N MET D 1 -0.87 -28.71 -10.73
CA MET D 1 -0.69 -27.56 -11.62
C MET D 1 0.71 -27.62 -12.22
N ASP D 2 0.77 -27.86 -13.54
CA ASP D 2 2.05 -27.90 -14.24
C ASP D 2 2.64 -26.50 -14.29
N LEU D 3 3.85 -26.34 -13.75
CA LEU D 3 4.50 -25.03 -13.76
C LEU D 3 5.35 -24.81 -15.00
N ASN D 4 5.52 -25.85 -15.82
CA ASN D 4 6.31 -25.75 -17.04
C ASN D 4 7.72 -25.20 -16.82
N LEU D 5 8.36 -25.66 -15.75
CA LEU D 5 9.72 -25.24 -15.43
C LEU D 5 10.75 -26.31 -15.75
N GLN D 6 10.31 -27.39 -16.40
CA GLN D 6 11.21 -28.50 -16.70
C GLN D 6 12.38 -28.01 -17.55
N ASP D 7 13.59 -28.34 -17.10
CA ASP D 7 14.85 -27.99 -17.78
C ASP D 7 15.16 -26.49 -17.81
N LYS D 8 14.41 -25.69 -17.06
CA LYS D 8 14.72 -24.26 -16.94
C LYS D 8 15.89 -24.07 -15.99
N VAL D 9 16.89 -23.31 -16.43
CA VAL D 9 18.11 -23.11 -15.67
C VAL D 9 17.95 -21.86 -14.80
N VAL D 10 18.00 -22.04 -13.48
CA VAL D 10 17.72 -20.93 -12.57
C VAL D 10 18.82 -20.77 -11.52
N ILE D 11 19.47 -19.61 -11.51
CA ILE D 11 20.46 -19.30 -10.48
C ILE D 11 19.76 -18.86 -9.20
N VAL D 12 20.16 -19.46 -8.07
CA VAL D 12 19.63 -19.07 -6.76
C VAL D 12 20.80 -18.64 -5.89
N THR D 13 20.86 -17.35 -5.53
CA THR D 13 21.97 -16.89 -4.69
C THR D 13 21.67 -17.19 -3.23
N GLY D 14 22.70 -17.60 -2.49
CA GLY D 14 22.49 -18.13 -1.15
C GLY D 14 21.55 -19.33 -1.21
N GLY D 15 21.67 -20.12 -2.27
CA GLY D 15 20.67 -21.13 -2.57
C GLY D 15 20.86 -22.49 -1.94
N ALA D 16 21.70 -22.58 -0.91
CA ALA D 16 21.99 -23.89 -0.35
C ALA D 16 21.53 -24.09 1.09
N SER D 17 20.88 -23.09 1.67
CA SER D 17 20.31 -23.25 3.00
C SER D 17 19.17 -22.28 3.24
N GLY D 18 18.37 -22.53 4.28
CA GLY D 18 17.26 -21.65 4.59
C GLY D 18 16.31 -21.47 3.43
N ILE D 19 15.85 -20.23 3.23
CA ILE D 19 14.94 -19.91 2.15
C ILE D 19 15.51 -20.28 0.78
N GLY D 20 16.76 -19.90 0.55
CA GLY D 20 17.40 -20.19 -0.73
C GLY D 20 17.45 -21.68 -1.00
N GLY D 21 17.81 -22.45 0.02
CA GLY D 21 17.87 -23.89 -0.10
C GLY D 21 16.53 -24.50 -0.46
N ALA D 22 15.44 -24.01 0.16
CA ALA D 22 14.13 -24.53 -0.15
C ALA D 22 13.72 -24.19 -1.57
N ILE D 23 14.09 -22.98 -2.02
CA ILE D 23 13.80 -22.58 -3.40
C ILE D 23 14.52 -23.50 -4.40
N SER D 24 15.80 -23.78 -4.15
CA SER D 24 16.54 -24.71 -5.01
C SER D 24 15.90 -26.09 -5.01
N MET D 25 15.52 -26.56 -3.83
CA MET D 25 14.93 -27.89 -3.70
C MET D 25 13.60 -27.97 -4.44
N ARG D 26 12.79 -26.91 -4.33
CA ARG D 26 11.50 -26.89 -5.03
C ARG D 26 11.68 -26.83 -6.54
N LEU D 27 12.64 -26.03 -7.00
CA LEU D 27 12.95 -25.99 -8.42
C LEU D 27 13.33 -27.38 -8.93
N ALA D 28 14.16 -28.09 -8.17
CA ALA D 28 14.56 -29.44 -8.54
C ALA D 28 13.35 -30.38 -8.61
N GLU D 29 12.42 -30.24 -7.66
CA GLU D 29 11.21 -31.06 -7.65
C GLU D 29 10.34 -30.79 -8.87
N GLU D 30 10.37 -29.55 -9.37
CA GLU D 30 9.61 -29.18 -10.56
C GLU D 30 10.41 -29.48 -11.84
N ARG D 31 11.54 -30.16 -11.66
CA ARG D 31 12.42 -30.59 -12.76
C ARG D 31 13.15 -29.44 -13.45
N ALA D 32 13.13 -28.26 -12.82
CA ALA D 32 14.02 -27.19 -13.24
C ALA D 32 15.45 -27.57 -12.87
N ILE D 33 16.40 -26.74 -13.27
CA ILE D 33 17.80 -26.98 -12.95
C ILE D 33 18.32 -25.82 -12.11
N PRO D 34 18.31 -25.99 -10.77
CA PRO D 34 18.83 -24.91 -9.95
C PRO D 34 20.36 -24.88 -9.95
N VAL D 35 20.89 -23.67 -9.98
CA VAL D 35 22.33 -23.46 -9.94
C VAL D 35 22.61 -22.58 -8.74
N VAL D 36 23.21 -23.17 -7.71
CA VAL D 36 23.39 -22.49 -6.44
C VAL D 36 24.67 -21.64 -6.48
N PHE D 37 24.54 -20.34 -6.24
CA PHE D 37 25.69 -19.47 -6.05
C PHE D 37 25.75 -19.18 -4.56
N ALA D 38 26.81 -19.59 -3.89
CA ALA D 38 26.96 -19.29 -2.46
C ALA D 38 28.40 -19.37 -2.06
N ARG D 39 28.73 -18.70 -0.96
CA ARG D 39 30.11 -18.60 -0.50
C ARG D 39 30.63 -19.95 -0.01
N HIS D 40 29.80 -20.68 0.71
CA HIS D 40 30.23 -21.93 1.31
C HIS D 40 29.56 -23.14 0.68
N ALA D 41 30.29 -24.25 0.61
CA ALA D 41 29.79 -25.50 0.08
C ALA D 41 28.52 -25.92 0.81
N PRO D 42 27.49 -26.35 0.05
CA PRO D 42 26.26 -26.87 0.64
C PRO D 42 26.59 -28.14 1.41
N ASP D 43 25.81 -28.48 2.43
CA ASP D 43 26.10 -29.74 3.12
C ASP D 43 25.69 -30.95 2.30
N GLY D 44 26.27 -32.09 2.64
CA GLY D 44 26.07 -33.32 1.87
C GLY D 44 24.62 -33.75 1.78
N ALA D 45 23.86 -33.59 2.86
CA ALA D 45 22.47 -34.01 2.84
C ALA D 45 21.67 -33.18 1.84
N PHE D 46 21.97 -31.89 1.78
CA PHE D 46 21.32 -31.02 0.82
C PHE D 46 21.65 -31.47 -0.59
N LEU D 47 22.93 -31.70 -0.87
CA LEU D 47 23.32 -32.13 -2.21
C LEU D 47 22.73 -33.49 -2.59
N ASP D 48 22.67 -34.41 -1.63
CA ASP D 48 22.07 -35.73 -1.89
C ASP D 48 20.62 -35.56 -2.34
N ALA D 49 19.87 -34.77 -1.59
CA ALA D 49 18.45 -34.60 -1.85
C ALA D 49 18.21 -33.84 -3.15
N LEU D 50 19.05 -32.83 -3.38
CA LEU D 50 18.91 -31.99 -4.57
C LEU D 50 19.15 -32.81 -5.83
N ALA D 51 20.23 -33.59 -5.84
CA ALA D 51 20.59 -34.38 -7.01
C ALA D 51 19.63 -35.53 -7.27
N GLN D 52 19.02 -36.04 -6.20
CA GLN D 52 18.02 -37.10 -6.33
C GLN D 52 16.82 -36.59 -7.12
N ARG D 53 16.47 -35.32 -6.91
CA ARG D 53 15.38 -34.70 -7.64
C ARG D 53 15.82 -34.23 -9.04
N GLN D 54 17.01 -33.67 -9.12
CA GLN D 54 17.53 -33.13 -10.37
C GLN D 54 19.03 -33.38 -10.46
N PRO D 55 19.44 -34.45 -11.15
CA PRO D 55 20.86 -34.83 -11.20
C PRO D 55 21.77 -33.75 -11.78
N ARG D 56 21.21 -32.88 -12.62
CA ARG D 56 21.98 -31.82 -13.26
C ARG D 56 22.15 -30.56 -12.41
N ALA D 57 21.54 -30.52 -11.23
CA ALA D 57 21.67 -29.38 -10.33
C ALA D 57 23.14 -29.15 -9.98
N THR D 58 23.56 -27.89 -9.90
CA THR D 58 24.96 -27.57 -9.66
C THR D 58 25.13 -26.54 -8.55
N TYR D 59 26.31 -26.57 -7.93
CA TYR D 59 26.74 -25.53 -7.00
C TYR D 59 28.02 -24.92 -7.51
N LEU D 60 28.09 -23.58 -7.46
CA LEU D 60 29.32 -22.86 -7.76
C LEU D 60 29.69 -22.00 -6.56
N PRO D 61 30.93 -22.15 -6.06
CA PRO D 61 31.37 -21.25 -4.99
C PRO D 61 31.54 -19.82 -5.53
N VAL D 62 30.85 -18.88 -4.90
CA VAL D 62 30.86 -17.49 -5.35
C VAL D 62 30.83 -16.57 -4.13
N GLU D 63 31.77 -15.63 -4.07
CA GLU D 63 31.64 -14.50 -3.15
C GLU D 63 30.88 -13.41 -3.87
N LEU D 64 29.60 -13.27 -3.54
CA LEU D 64 28.73 -12.36 -4.27
C LEU D 64 29.15 -10.90 -4.17
N GLN D 65 29.93 -10.57 -3.15
CA GLN D 65 30.42 -9.20 -2.99
C GLN D 65 31.57 -8.88 -3.94
N ASP D 66 32.06 -9.90 -4.63
CA ASP D 66 33.11 -9.74 -5.64
C ASP D 66 32.43 -9.70 -7.02
N ASP D 67 32.44 -8.53 -7.64
CA ASP D 67 31.78 -8.33 -8.93
C ASP D 67 32.31 -9.28 -10.00
N ALA D 68 33.62 -9.49 -9.99
CA ALA D 68 34.26 -10.37 -10.96
C ALA D 68 33.79 -11.81 -10.79
N GLN D 69 33.58 -12.23 -9.55
CA GLN D 69 33.13 -13.60 -9.30
C GLN D 69 31.69 -13.82 -9.77
N CYS D 70 30.85 -12.81 -9.58
CA CYS D 70 29.50 -12.85 -10.12
C CYS D 70 29.53 -13.00 -11.63
N ARG D 71 30.29 -12.12 -12.28
CA ARG D 71 30.44 -12.15 -13.73
C ARG D 71 30.89 -13.52 -14.23
N ASP D 72 31.95 -14.04 -13.62
CA ASP D 72 32.52 -15.32 -14.07
C ASP D 72 31.60 -16.53 -13.81
N ALA D 73 30.86 -16.48 -12.71
CA ALA D 73 29.98 -17.61 -12.38
C ALA D 73 28.77 -17.64 -13.31
N VAL D 74 28.26 -16.46 -13.67
CA VAL D 74 27.21 -16.40 -14.68
C VAL D 74 27.74 -16.95 -15.99
N ALA D 75 28.95 -16.54 -16.37
CA ALA D 75 29.56 -17.06 -17.60
C ALA D 75 29.73 -18.58 -17.55
N GLN D 76 30.17 -19.08 -16.39
CA GLN D 76 30.35 -20.53 -16.23
C GLN D 76 29.02 -21.27 -16.37
N THR D 77 27.96 -20.66 -15.84
CA THR D 77 26.64 -21.25 -15.91
C THR D 77 26.17 -21.35 -17.36
N ILE D 78 26.42 -20.29 -18.13
CA ILE D 78 26.09 -20.28 -19.55
C ILE D 78 26.94 -21.28 -20.34
N ALA D 79 28.19 -21.45 -19.94
CA ALA D 79 29.06 -22.41 -20.61
C ALA D 79 28.61 -23.84 -20.38
N THR D 80 28.11 -24.11 -19.17
CA THR D 80 27.67 -25.45 -18.82
C THR D 80 26.29 -25.78 -19.42
N PHE D 81 25.37 -24.84 -19.33
CA PHE D 81 23.99 -25.12 -19.70
C PHE D 81 23.51 -24.48 -21.01
N GLY D 82 24.23 -23.46 -21.48
CA GLY D 82 23.90 -22.83 -22.74
C GLY D 82 22.79 -21.78 -22.69
N ARG D 83 22.19 -21.61 -21.51
CA ARG D 83 21.06 -20.70 -21.36
C ARG D 83 20.84 -20.35 -19.89
N LEU D 84 20.11 -19.27 -19.65
CA LEU D 84 19.65 -18.94 -18.30
C LEU D 84 18.18 -18.54 -18.35
N ASP D 85 17.37 -19.18 -17.52
CA ASP D 85 15.92 -18.96 -17.52
C ASP D 85 15.40 -18.19 -16.31
N GLY D 86 16.18 -18.15 -15.24
CA GLY D 86 15.73 -17.47 -14.05
C GLY D 86 16.87 -17.01 -13.16
N LEU D 87 16.59 -15.97 -12.39
CA LEU D 87 17.48 -15.51 -11.33
C LEU D 87 16.65 -15.31 -10.08
N VAL D 88 17.07 -15.96 -8.99
CA VAL D 88 16.52 -15.68 -7.68
C VAL D 88 17.60 -15.02 -6.84
N ASN D 89 17.44 -13.71 -6.60
CA ASN D 89 18.33 -12.99 -5.71
C ASN D 89 17.83 -13.23 -4.28
N ASN D 90 18.67 -13.84 -3.44
CA ASN D 90 18.23 -14.25 -2.11
C ASN D 90 19.26 -14.05 -0.98
N ALA D 91 20.54 -14.07 -1.33
CA ALA D 91 21.58 -13.96 -0.30
C ALA D 91 21.50 -12.64 0.48
N GLY D 92 21.68 -12.73 1.78
CA GLY D 92 21.60 -11.55 2.62
C GLY D 92 21.85 -11.88 4.07
N VAL D 93 22.02 -10.85 4.88
CA VAL D 93 22.17 -11.04 6.31
C VAL D 93 21.68 -9.80 7.05
N ASN D 94 20.83 -10.01 8.04
CA ASN D 94 20.41 -8.91 8.90
C ASN D 94 21.54 -8.65 9.88
N ASP D 95 22.38 -7.66 9.54
CA ASP D 95 23.63 -7.45 10.24
C ASP D 95 23.60 -6.38 11.35
N GLY D 96 22.40 -5.89 11.66
CA GLY D 96 22.24 -5.03 12.83
C GLY D 96 23.06 -3.75 12.82
N ILE D 97 23.09 -3.08 11.68
CA ILE D 97 23.84 -1.85 11.51
C ILE D 97 22.87 -0.68 11.69
N GLY D 98 22.87 -0.08 12.87
CA GLY D 98 21.91 0.96 13.20
C GLY D 98 22.38 2.37 12.93
N LEU D 99 21.64 3.33 13.45
CA LEU D 99 21.93 4.75 13.25
C LEU D 99 23.27 5.20 13.83
N ASP D 100 23.75 4.48 14.84
CA ASP D 100 24.98 4.88 15.53
C ASP D 100 26.23 4.30 14.88
N ALA D 101 26.06 3.43 13.89
CA ALA D 101 27.16 2.66 13.34
C ALA D 101 28.12 3.45 12.44
N GLY D 102 27.58 4.38 11.68
CA GLY D 102 28.39 5.22 10.82
C GLY D 102 28.47 4.75 9.38
N ARG D 103 29.03 5.60 8.53
CA ARG D 103 29.06 5.38 7.08
C ARG D 103 29.65 4.05 6.63
N ASP D 104 30.86 3.75 7.09
CA ASP D 104 31.56 2.54 6.62
C ASP D 104 30.77 1.25 6.90
N ALA D 105 30.20 1.15 8.10
CA ALA D 105 29.39 -0.01 8.45
C ALA D 105 28.10 -0.06 7.61
N PHE D 106 27.51 1.10 7.36
CA PHE D 106 26.30 1.17 6.55
C PHE D 106 26.57 0.69 5.13
N VAL D 107 27.65 1.19 4.54
CA VAL D 107 28.02 0.82 3.18
C VAL D 107 28.36 -0.66 3.10
N ALA D 108 29.03 -1.19 4.13
CA ALA D 108 29.33 -2.62 4.17
C ALA D 108 28.05 -3.46 4.17
N SER D 109 27.02 -2.98 4.86
CA SER D 109 25.74 -3.66 4.85
C SER D 109 25.10 -3.63 3.45
N LEU D 110 25.20 -2.49 2.77
CA LEU D 110 24.71 -2.42 1.40
C LEU D 110 25.44 -3.42 0.49
N GLU D 111 26.74 -3.59 0.69
CA GLU D 111 27.51 -4.55 -0.11
C GLU D 111 27.03 -5.97 0.17
N ARG D 112 26.77 -6.27 1.43
CA ARG D 112 26.35 -7.61 1.83
C ARG D 112 24.94 -7.97 1.38
N ASN D 113 24.12 -6.95 1.15
CA ASN D 113 22.70 -7.16 0.93
C ASN D 113 22.16 -6.64 -0.41
N LEU D 114 22.43 -5.38 -0.72
CA LEU D 114 21.82 -4.75 -1.89
C LEU D 114 22.63 -4.90 -3.16
N ILE D 115 23.92 -4.61 -3.09
CA ILE D 115 24.68 -4.36 -4.30
C ILE D 115 24.80 -5.59 -5.22
N HIS D 116 24.86 -6.78 -4.62
CA HIS D 116 24.94 -7.99 -5.42
C HIS D 116 23.61 -8.37 -6.10
N TYR D 117 22.49 -7.87 -5.59
CA TYR D 117 21.22 -8.07 -6.30
C TYR D 117 21.30 -7.35 -7.64
N TYR D 118 21.83 -6.12 -7.61
CA TYR D 118 22.05 -5.37 -8.85
C TYR D 118 23.09 -6.06 -9.74
N ALA D 119 24.24 -6.42 -9.17
CA ALA D 119 25.31 -7.04 -9.95
C ALA D 119 24.82 -8.30 -10.65
N MET D 120 24.09 -9.14 -9.92
CA MET D 120 23.57 -10.36 -10.49
C MET D 120 22.58 -10.09 -11.62
N ALA D 121 21.67 -9.14 -11.41
CA ALA D 121 20.74 -8.76 -12.46
C ALA D 121 21.50 -8.20 -13.66
N HIS D 122 22.50 -7.36 -13.41
CA HIS D 122 23.34 -6.81 -14.47
C HIS D 122 23.93 -7.89 -15.38
N TYR D 123 24.48 -8.94 -14.79
CA TYR D 123 25.11 -9.99 -15.57
C TYR D 123 24.13 -11.02 -16.16
N CYS D 124 22.96 -11.16 -15.52
CA CYS D 124 21.98 -12.16 -15.93
C CYS D 124 20.99 -11.68 -16.98
N VAL D 125 20.65 -10.40 -16.94
CA VAL D 125 19.60 -9.86 -17.81
C VAL D 125 19.77 -10.12 -19.32
N PRO D 126 21.01 -10.01 -19.86
CA PRO D 126 21.13 -10.29 -21.30
C PRO D 126 20.72 -11.73 -21.65
N HIS D 127 21.02 -12.66 -20.75
CA HIS D 127 20.67 -14.06 -20.93
C HIS D 127 19.18 -14.31 -20.69
N LEU D 128 18.62 -13.65 -19.68
CA LEU D 128 17.19 -13.75 -19.41
C LEU D 128 16.34 -13.20 -20.55
N LYS D 129 16.82 -12.15 -21.21
CA LYS D 129 16.12 -11.61 -22.37
C LYS D 129 16.02 -12.67 -23.47
N ALA D 130 17.09 -13.46 -23.62
CA ALA D 130 17.15 -14.45 -24.68
C ALA D 130 16.13 -15.57 -24.50
N THR D 131 15.74 -15.83 -23.26
CA THR D 131 14.83 -16.94 -22.96
C THR D 131 13.48 -16.45 -22.45
N ARG D 132 13.29 -15.13 -22.45
CA ARG D 132 12.13 -14.51 -21.82
C ARG D 132 11.94 -15.08 -20.42
N GLY D 133 13.04 -15.09 -19.66
CA GLY D 133 13.06 -15.64 -18.32
C GLY D 133 12.48 -14.73 -17.26
N ALA D 134 12.83 -14.97 -16.01
CA ALA D 134 12.20 -14.26 -14.92
C ALA D 134 13.15 -14.04 -13.74
N ILE D 135 12.87 -13.00 -12.97
CA ILE D 135 13.62 -12.68 -11.76
C ILE D 135 12.69 -12.70 -10.55
N VAL D 136 13.16 -13.28 -9.45
CA VAL D 136 12.49 -13.10 -8.17
C VAL D 136 13.50 -12.55 -7.19
N ASN D 137 13.16 -11.45 -6.53
CA ASN D 137 13.98 -10.89 -5.48
C ASN D 137 13.37 -11.22 -4.12
N ILE D 138 14.13 -11.86 -3.24
CA ILE D 138 13.64 -12.12 -1.89
C ILE D 138 14.01 -10.94 -1.01
N SER D 139 13.00 -10.27 -0.45
CA SER D 139 13.24 -9.11 0.41
C SER D 139 12.95 -9.49 1.87
N SER D 140 12.32 -8.59 2.62
CA SER D 140 12.05 -8.83 4.03
C SER D 140 10.99 -7.84 4.47
N LYS D 141 10.13 -8.24 5.40
CA LYS D 141 9.11 -7.32 5.88
C LYS D 141 9.69 -6.05 6.47
N THR D 142 10.95 -6.14 6.94
CA THR D 142 11.62 -4.99 7.54
C THR D 142 11.71 -3.82 6.57
N ALA D 143 11.70 -4.11 5.26
CA ALA D 143 11.67 -3.08 4.24
C ALA D 143 10.49 -2.13 4.41
N VAL D 144 9.38 -2.64 4.91
CA VAL D 144 8.21 -1.78 5.08
C VAL D 144 7.82 -1.55 6.54
N THR D 145 8.24 -2.43 7.45
CA THR D 145 7.84 -2.30 8.85
C THR D 145 8.89 -1.60 9.70
N GLY D 146 10.12 -1.57 9.22
CA GLY D 146 11.24 -1.19 10.09
C GLY D 146 11.50 -2.28 11.12
N GLN D 147 12.51 -2.08 11.96
CA GLN D 147 12.81 -3.04 13.02
C GLN D 147 13.52 -2.38 14.20
N GLY D 148 14.42 -1.46 13.89
CA GLY D 148 15.26 -0.84 14.90
C GLY D 148 16.65 -1.45 14.82
N ASN D 149 17.66 -0.61 14.97
CA ASN D 149 19.06 -1.03 14.93
C ASN D 149 19.47 -1.79 13.66
N THR D 150 18.78 -1.57 12.55
CA THR D 150 19.18 -2.26 11.33
C THR D 150 18.95 -1.44 10.05
N SER D 151 19.43 -0.20 10.09
CA SER D 151 19.43 0.70 8.93
C SER D 151 20.01 0.06 7.67
N GLY D 152 21.16 -0.60 7.78
CA GLY D 152 21.79 -1.17 6.60
C GLY D 152 20.92 -2.19 5.90
N TYR D 153 20.41 -3.15 6.67
CA TYR D 153 19.57 -4.22 6.12
C TYR D 153 18.24 -3.68 5.59
N CYS D 154 17.62 -2.80 6.39
CA CYS D 154 16.34 -2.22 6.02
C CYS D 154 16.46 -1.43 4.71
N ALA D 155 17.46 -0.55 4.63
CA ALA D 155 17.71 0.20 3.40
C ALA D 155 17.88 -0.76 2.22
N SER D 156 18.68 -1.79 2.41
CA SER D 156 18.92 -2.77 1.35
C SER D 156 17.63 -3.46 0.88
N LYS D 157 16.85 -3.94 1.84
CA LYS D 157 15.64 -4.68 1.52
C LYS D 157 14.59 -3.79 0.85
N GLY D 158 14.52 -2.53 1.28
CA GLY D 158 13.63 -1.56 0.64
C GLY D 158 14.07 -1.23 -0.77
N ALA D 159 15.37 -1.07 -0.97
CA ALA D 159 15.91 -0.86 -2.30
C ALA D 159 15.57 -2.03 -3.22
N GLN D 160 15.55 -3.24 -2.68
CA GLN D 160 15.24 -4.41 -3.49
C GLN D 160 13.79 -4.41 -3.98
N LEU D 161 12.87 -3.90 -3.16
CA LEU D 161 11.48 -3.76 -3.58
C LEU D 161 11.34 -2.71 -4.68
N ALA D 162 12.04 -1.59 -4.52
CA ALA D 162 12.07 -0.54 -5.53
C ALA D 162 12.63 -1.08 -6.84
N LEU D 163 13.75 -1.78 -6.77
CA LEU D 163 14.35 -2.36 -7.97
C LEU D 163 13.42 -3.38 -8.65
N THR D 164 12.56 -4.02 -7.87
CA THR D 164 11.61 -4.96 -8.47
C THR D 164 10.67 -4.22 -9.40
N ARG D 165 10.19 -3.05 -8.97
CA ARG D 165 9.33 -2.22 -9.81
C ARG D 165 10.12 -1.67 -11.00
N GLU D 166 11.33 -1.19 -10.75
CA GLU D 166 12.18 -0.61 -11.80
C GLU D 166 12.51 -1.62 -12.90
N TRP D 167 12.94 -2.80 -12.51
CA TRP D 167 13.32 -3.80 -13.50
C TRP D 167 12.10 -4.34 -14.23
N ALA D 168 10.96 -4.42 -13.55
CA ALA D 168 9.71 -4.80 -14.22
C ALA D 168 9.39 -3.84 -15.36
N VAL D 169 9.55 -2.54 -15.10
CA VAL D 169 9.37 -1.54 -16.15
C VAL D 169 10.41 -1.69 -17.25
N ALA D 170 11.68 -1.78 -16.85
CA ALA D 170 12.78 -1.79 -17.82
C ALA D 170 12.70 -2.96 -18.78
N LEU D 171 12.21 -4.09 -18.29
CA LEU D 171 12.27 -5.34 -19.05
C LEU D 171 10.93 -5.78 -19.64
N ARG D 172 9.90 -4.96 -19.49
CA ARG D 172 8.55 -5.33 -19.94
C ARG D 172 8.47 -5.73 -21.42
N GLU D 173 9.17 -5.00 -22.28
CA GLU D 173 9.09 -5.26 -23.72
C GLU D 173 9.85 -6.52 -24.11
N HIS D 174 10.69 -7.00 -23.20
CA HIS D 174 11.46 -8.21 -23.43
C HIS D 174 10.78 -9.44 -22.85
N GLY D 175 9.63 -9.23 -22.20
CA GLY D 175 8.86 -10.33 -21.67
C GLY D 175 9.50 -10.97 -20.45
N VAL D 176 10.41 -10.25 -19.81
CA VAL D 176 11.05 -10.73 -18.58
C VAL D 176 10.32 -10.14 -17.39
N ARG D 177 9.66 -11.02 -16.63
CA ARG D 177 8.90 -10.61 -15.45
C ARG D 177 9.83 -10.52 -14.24
N VAL D 178 9.56 -9.57 -13.37
CA VAL D 178 10.37 -9.35 -12.17
C VAL D 178 9.45 -9.14 -10.97
N ASN D 179 9.57 -10.02 -9.98
CA ASN D 179 8.71 -9.92 -8.80
C ASN D 179 9.51 -10.13 -7.52
N ALA D 180 8.90 -9.84 -6.39
CA ALA D 180 9.56 -10.00 -5.11
C ALA D 180 8.71 -10.84 -4.18
N VAL D 181 9.37 -11.57 -3.30
CA VAL D 181 8.68 -12.20 -2.16
C VAL D 181 9.16 -11.56 -0.87
N ILE D 182 8.22 -11.25 0.02
CA ILE D 182 8.53 -10.62 1.29
C ILE D 182 8.17 -11.55 2.44
N PRO D 183 9.18 -12.23 3.00
CA PRO D 183 8.96 -13.02 4.21
C PRO D 183 9.01 -12.12 5.43
N ALA D 184 8.50 -12.61 6.56
CA ALA D 184 8.70 -11.92 7.83
C ALA D 184 9.58 -12.80 8.72
N GLU D 185 8.95 -13.73 9.44
CA GLU D 185 9.71 -14.61 10.31
C GLU D 185 9.75 -16.04 9.78
N VAL D 186 10.96 -16.49 9.42
CA VAL D 186 11.18 -17.79 8.82
C VAL D 186 12.34 -18.45 9.57
N MET D 187 12.14 -19.69 10.01
CA MET D 187 13.20 -20.40 10.73
C MET D 187 14.29 -20.90 9.78
N THR D 188 15.51 -20.37 9.94
CA THR D 188 16.68 -20.64 9.07
C THR D 188 17.96 -20.55 9.91
N PRO D 189 19.11 -21.00 9.37
CA PRO D 189 20.38 -20.78 10.09
C PRO D 189 20.71 -19.30 10.31
N LEU D 190 20.41 -18.45 9.32
CA LEU D 190 20.60 -17.02 9.46
C LEU D 190 19.78 -16.52 10.65
N TYR D 191 18.55 -17.01 10.75
CA TYR D 191 17.67 -16.61 11.84
C TYR D 191 18.24 -17.00 13.21
N ARG D 192 18.64 -18.26 13.36
CA ARG D 192 19.19 -18.72 14.63
C ARG D 192 20.48 -17.96 14.98
N ASN D 193 21.23 -17.58 13.96
CA ASN D 193 22.39 -16.72 14.16
C ASN D 193 21.99 -15.36 14.71
N TRP D 194 20.94 -14.78 14.13
CA TRP D 194 20.39 -13.50 14.59
C TRP D 194 19.84 -13.62 16.00
N ALA D 203 12.36 -18.63 23.51
CA ALA D 203 12.48 -17.55 24.48
C ALA D 203 12.14 -16.23 23.81
N LYS D 204 13.16 -15.60 23.23
CA LYS D 204 12.93 -14.51 22.29
C LYS D 204 12.20 -15.14 21.10
N LEU D 205 12.57 -16.38 20.77
CA LEU D 205 11.90 -17.16 19.73
C LEU D 205 10.40 -17.32 19.98
N ALA D 206 10.05 -17.82 21.16
CA ALA D 206 8.65 -18.05 21.53
C ALA D 206 7.87 -16.74 21.55
N GLU D 207 8.54 -15.69 22.02
CA GLU D 207 7.98 -14.34 22.02
C GLU D 207 7.65 -13.86 20.60
N ILE D 208 8.58 -14.05 19.68
CA ILE D 208 8.36 -13.63 18.31
C ILE D 208 7.31 -14.50 17.61
N ALA D 209 7.38 -15.81 17.80
CA ALA D 209 6.42 -16.72 17.17
C ALA D 209 4.98 -16.37 17.57
N ALA D 210 4.80 -16.01 18.83
CA ALA D 210 3.47 -15.62 19.33
C ALA D 210 2.89 -14.42 18.57
N LYS D 211 3.74 -13.60 17.97
CA LYS D 211 3.25 -12.42 17.26
C LYS D 211 2.88 -12.64 15.80
N VAL D 212 3.06 -13.86 15.29
CA VAL D 212 2.62 -14.17 13.93
C VAL D 212 1.15 -14.54 13.93
N PRO D 213 0.30 -13.76 13.25
CA PRO D 213 -1.15 -13.96 13.41
C PRO D 213 -1.66 -15.36 13.01
N LEU D 214 -1.18 -15.87 11.88
CA LEU D 214 -1.68 -17.16 11.40
C LEU D 214 -0.96 -18.34 12.07
N GLY D 215 -1.58 -18.86 13.14
CA GLY D 215 -1.08 -20.04 13.80
C GLY D 215 -0.03 -19.81 14.86
N ARG D 216 0.35 -18.55 15.08
CA ARG D 216 1.36 -18.22 16.10
C ARG D 216 2.61 -19.07 15.93
N ARG D 217 3.09 -19.13 14.68
CA ARG D 217 4.24 -19.93 14.33
C ARG D 217 5.01 -19.26 13.20
N PHE D 218 6.29 -19.61 13.07
CA PHE D 218 7.08 -19.07 11.97
C PHE D 218 6.65 -19.65 10.63
N THR D 219 6.81 -18.84 9.59
CA THR D 219 6.69 -19.30 8.21
C THR D 219 7.82 -20.30 7.95
N THR D 220 7.57 -21.29 7.08
CA THR D 220 8.61 -22.25 6.74
C THR D 220 9.32 -21.83 5.46
N PRO D 221 10.59 -22.23 5.31
CA PRO D 221 11.27 -21.99 4.04
C PRO D 221 10.48 -22.57 2.86
N ASP D 222 9.84 -23.72 3.07
CA ASP D 222 9.01 -24.33 2.03
C ASP D 222 7.88 -23.40 1.56
N GLU D 223 7.25 -22.70 2.50
CA GLU D 223 6.18 -21.78 2.15
C GLU D 223 6.69 -20.62 1.30
N ILE D 224 7.85 -20.07 1.65
CA ILE D 224 8.43 -19.01 0.84
C ILE D 224 8.75 -19.55 -0.55
N ALA D 225 9.32 -20.75 -0.60
CA ALA D 225 9.72 -21.36 -1.87
C ALA D 225 8.54 -21.60 -2.81
N ASP D 226 7.40 -22.01 -2.25
CA ASP D 226 6.25 -22.32 -3.10
C ASP D 226 5.77 -21.08 -3.85
N THR D 227 5.77 -19.93 -3.19
CA THR D 227 5.35 -18.70 -3.85
C THR D 227 6.43 -18.21 -4.81
N ALA D 228 7.70 -18.30 -4.39
CA ALA D 228 8.80 -17.87 -5.25
C ALA D 228 8.83 -18.66 -6.56
N VAL D 229 8.65 -19.97 -6.47
CA VAL D 229 8.69 -20.81 -7.66
C VAL D 229 7.45 -20.56 -8.55
N PHE D 230 6.28 -20.38 -7.94
CA PHE D 230 5.10 -19.98 -8.70
C PHE D 230 5.40 -18.72 -9.53
N LEU D 231 6.04 -17.73 -8.92
CA LEU D 231 6.33 -16.46 -9.61
C LEU D 231 7.34 -16.60 -10.76
N LEU D 232 8.20 -17.61 -10.69
CA LEU D 232 9.13 -17.87 -11.77
C LEU D 232 8.44 -18.49 -12.97
N SER D 233 7.29 -19.11 -12.73
CA SER D 233 6.61 -19.93 -13.73
C SER D 233 5.67 -19.12 -14.60
N PRO D 234 5.33 -19.66 -15.79
CA PRO D 234 4.32 -19.01 -16.65
C PRO D 234 2.91 -19.07 -16.07
N ARG D 235 2.70 -19.73 -14.93
CA ARG D 235 1.42 -19.61 -14.26
C ARG D 235 1.21 -18.19 -13.75
N ALA D 236 2.30 -17.43 -13.63
CA ALA D 236 2.25 -16.02 -13.23
C ALA D 236 2.57 -15.11 -14.40
N SER D 237 2.12 -15.50 -15.59
CA SER D 237 2.52 -14.83 -16.83
C SER D 237 2.07 -13.38 -17.01
N HIS D 238 1.11 -12.90 -16.22
CA HIS D 238 0.80 -11.47 -16.24
C HIS D 238 1.08 -10.77 -14.93
N THR D 239 1.91 -11.39 -14.09
CA THR D 239 2.34 -10.77 -12.85
C THR D 239 3.77 -10.27 -13.00
N THR D 240 3.93 -8.95 -12.91
CA THR D 240 5.26 -8.36 -12.90
C THR D 240 5.26 -7.10 -12.08
N GLY D 241 6.38 -6.84 -11.40
CA GLY D 241 6.53 -5.68 -10.53
C GLY D 241 5.97 -5.87 -9.13
N GLU D 242 5.43 -7.04 -8.84
CA GLU D 242 4.66 -7.24 -7.62
C GLU D 242 5.49 -7.67 -6.42
N TRP D 243 4.98 -7.33 -5.25
CA TRP D 243 5.60 -7.71 -3.98
C TRP D 243 4.63 -8.66 -3.28
N LEU D 244 4.97 -9.93 -3.20
CA LEU D 244 4.08 -10.91 -2.59
C LEU D 244 4.52 -11.18 -1.17
N PHE D 245 3.64 -10.88 -0.21
CA PHE D 245 3.95 -11.08 1.20
C PHE D 245 3.53 -12.48 1.61
N VAL D 246 4.49 -13.25 2.12
CA VAL D 246 4.23 -14.62 2.58
C VAL D 246 4.71 -14.64 4.02
N ASP D 247 3.80 -14.31 4.93
CA ASP D 247 4.24 -13.90 6.26
C ASP D 247 3.25 -14.19 7.39
N GLY D 248 2.24 -15.01 7.10
CA GLY D 248 1.26 -15.35 8.12
C GLY D 248 0.46 -14.16 8.65
N GLY D 249 0.40 -13.08 7.90
CA GLY D 249 -0.32 -11.88 8.33
C GLY D 249 0.49 -10.87 9.11
N TYR D 250 1.79 -11.12 9.24
CA TYR D 250 2.68 -10.29 10.07
C TYR D 250 2.62 -8.81 9.70
N THR D 251 2.69 -8.50 8.41
CA THR D 251 2.82 -7.12 7.99
C THR D 251 1.48 -6.38 8.03
N HIS D 252 0.42 -7.04 7.56
CA HIS D 252 -0.81 -6.29 7.26
C HIS D 252 -1.96 -6.44 8.24
N LEU D 253 -1.90 -7.40 9.15
CA LEU D 253 -3.03 -7.59 10.07
C LEU D 253 -2.83 -6.84 11.38
N ASP D 254 -3.94 -6.42 11.98
CA ASP D 254 -3.98 -5.63 13.24
C ASP D 254 -2.89 -6.02 14.24
N ARG D 255 -2.05 -5.07 14.63
CA ARG D 255 -0.97 -5.33 15.59
C ARG D 255 -1.48 -5.78 16.96
N ALA D 256 -2.75 -5.48 17.26
CA ALA D 256 -3.27 -5.73 18.60
C ALA D 256 -3.77 -7.15 18.80
N LEU D 257 -3.91 -7.91 17.72
CA LEU D 257 -4.43 -9.27 17.86
C LEU D 257 -3.46 -10.13 18.65
N VAL D 258 -4.00 -11.12 19.37
CA VAL D 258 -3.21 -12.08 20.11
C VAL D 258 -3.32 -13.42 19.42
CL CL E . 23.84 19.58 -2.82
CA CA F . 0.13 18.54 17.89
CL CL G . 17.61 -0.33 -17.32
CA CA H . -0.94 25.69 -2.80
C1 EDO I . 3.60 -3.43 9.34
O1 EDO I . 2.84 -3.35 10.56
C2 EDO I . 3.02 -2.64 8.17
O2 EDO I . 4.08 -2.05 7.38
C1 EDO J . -19.12 33.07 3.20
O1 EDO J . -19.16 34.47 3.52
C2 EDO J . -20.26 32.75 2.25
O2 EDO J . -21.52 33.14 2.84
CA CA K . 2.22 -25.64 2.68
CL CL L . -24.46 -14.66 -11.19
CL CL M . -32.16 -11.03 0.34
CL CL N . 19.11 2.46 15.30
CL CL O . 26.29 -16.55 0.04
C1 EDO P . 3.60 -2.36 0.66
O1 EDO P . 4.04 -1.15 1.29
C2 EDO P . 2.31 -2.85 1.30
O2 EDO P . 2.56 -3.00 2.70
#